data_1BY6
#
_entry.id   1BY6
#
_cell.length_a   1.000
_cell.length_b   1.000
_cell.length_c   1.000
_cell.angle_alpha   90.00
_cell.angle_beta   90.00
_cell.angle_gamma   90.00
#
_symmetry.space_group_name_H-M   'P 1'
#
_entity_poly.entity_id   1
_entity_poly.type   'polypeptide(L)'
_entity_poly.pdbx_seq_one_letter_code
;AVDEKLRDLYSKSTAAMSTYTGIFTDQVLSVLKGEE
;
_entity_poly.pdbx_strand_id   A
#
# COMPACT_ATOMS: atom_id res chain seq x y z
N ALA A 1 -1.62 28.52 -1.14
CA ALA A 1 -2.06 27.10 -0.99
C ALA A 1 -2.61 26.58 -2.31
N VAL A 2 -2.00 25.56 -2.85
CA VAL A 2 -2.49 25.00 -4.15
C VAL A 2 -2.95 23.55 -3.96
N ASP A 3 -4.11 23.35 -3.41
CA ASP A 3 -4.60 21.96 -3.19
C ASP A 3 -5.95 21.76 -3.88
N GLU A 4 -6.35 22.70 -4.72
CA GLU A 4 -7.66 22.56 -5.42
C GLU A 4 -7.86 21.13 -5.92
N LYS A 5 -7.08 20.71 -6.87
CA LYS A 5 -7.22 19.32 -7.41
C LYS A 5 -5.84 18.68 -7.57
N LEU A 6 -4.94 19.35 -8.23
CA LEU A 6 -3.58 18.78 -8.43
C LEU A 6 -3.67 17.30 -8.81
N ARG A 7 -4.52 16.98 -9.75
CA ARG A 7 -4.66 15.55 -10.19
C ARG A 7 -5.04 14.66 -9.00
N ASP A 8 -6.19 14.06 -9.05
CA ASP A 8 -6.61 13.15 -7.94
C ASP A 8 -6.12 11.73 -8.23
N LEU A 9 -5.90 11.43 -9.49
CA LEU A 9 -5.40 10.07 -9.86
C LEU A 9 -4.15 9.73 -9.06
N TYR A 10 -3.11 10.50 -9.24
CA TYR A 10 -1.84 10.23 -8.50
C TYR A 10 -2.05 10.43 -7.00
N SER A 11 -3.14 11.01 -6.61
CA SER A 11 -3.41 11.23 -5.16
C SER A 11 -4.60 10.39 -4.71
N LYS A 12 -4.39 9.14 -4.41
CA LYS A 12 -5.53 8.28 -3.97
C LYS A 12 -5.05 6.87 -3.61
N SER A 13 -4.11 6.32 -4.33
CA SER A 13 -3.64 4.94 -4.01
C SER A 13 -2.12 4.89 -3.88
N THR A 14 -1.41 5.60 -4.71
CA THR A 14 0.08 5.58 -4.63
C THR A 14 0.54 5.86 -3.19
N ALA A 15 -0.31 6.45 -2.39
CA ALA A 15 0.08 6.75 -0.98
C ALA A 15 0.81 5.56 -0.35
N ALA A 16 0.55 4.37 -0.85
CA ALA A 16 1.22 3.16 -0.29
C ALA A 16 0.65 2.83 1.10
N MET A 17 -0.66 2.85 1.23
CA MET A 17 -1.27 2.54 2.55
C MET A 17 -1.59 1.04 2.63
N SER A 18 -2.34 0.63 3.60
CA SER A 18 -2.68 -0.82 3.73
C SER A 18 -1.43 -1.67 3.51
N THR A 19 -0.28 -1.12 3.77
CA THR A 19 0.98 -1.89 3.57
C THR A 19 0.99 -2.52 2.18
N TYR A 20 0.31 -1.93 1.24
CA TYR A 20 0.26 -2.49 -0.13
C TYR A 20 1.20 -1.72 -1.07
N THR A 21 2.48 -1.86 -0.87
CA THR A 21 3.43 -1.15 -1.78
C THR A 21 3.62 -1.99 -3.04
N GLY A 22 4.00 -3.22 -2.88
CA GLY A 22 4.19 -4.12 -4.05
C GLY A 22 3.00 -5.09 -4.11
N ILE A 23 3.02 -6.11 -3.28
CA ILE A 23 1.89 -7.08 -3.28
C ILE A 23 2.13 -8.18 -2.21
N PHE A 24 2.24 -7.82 -0.97
CA PHE A 24 2.46 -8.84 0.08
C PHE A 24 1.55 -8.61 1.28
N THR A 25 0.64 -9.52 1.52
CA THR A 25 -0.30 -9.37 2.67
C THR A 25 -0.85 -10.74 3.06
N ASP A 26 -1.13 -10.95 4.32
CA ASP A 26 -1.66 -12.27 4.75
C ASP A 26 -0.73 -13.38 4.26
N GLN A 27 -1.02 -14.61 4.60
CA GLN A 27 -0.16 -15.73 4.14
C GLN A 27 1.32 -15.39 4.32
N VAL A 28 1.95 -14.84 3.31
CA VAL A 28 3.39 -14.49 3.44
C VAL A 28 3.67 -13.83 4.80
N LEU A 29 2.68 -13.20 5.37
CA LEU A 29 2.90 -12.54 6.71
C LEU A 29 2.37 -13.43 7.83
N SER A 30 2.29 -14.70 7.62
CA SER A 30 1.78 -15.61 8.69
C SER A 30 2.43 -16.98 8.58
N VAL A 31 3.70 -17.02 8.27
CA VAL A 31 4.42 -18.32 8.15
C VAL A 31 5.69 -18.29 9.00
N LEU A 32 5.82 -17.30 9.84
CA LEU A 32 7.03 -17.21 10.71
C LEU A 32 6.88 -18.15 11.90
N LYS A 33 5.68 -18.30 12.40
CA LYS A 33 5.47 -19.19 13.57
C LYS A 33 5.11 -20.61 13.11
N GLY A 34 5.45 -20.94 11.89
CA GLY A 34 5.14 -22.32 11.39
C GLY A 34 6.20 -23.29 11.90
N GLU A 35 7.36 -22.79 12.23
CA GLU A 35 8.44 -23.66 12.74
C GLU A 35 9.68 -22.83 13.06
N GLU A 36 9.48 -21.64 13.57
CA GLU A 36 10.63 -20.76 13.92
C GLU A 36 10.35 -20.04 15.24
N ALA A 1 1.88 14.78 6.72
CA ALA A 1 1.95 15.02 5.25
C ALA A 1 1.95 16.52 4.96
N VAL A 2 3.04 17.05 4.50
CA VAL A 2 3.09 18.52 4.19
C VAL A 2 3.78 18.74 2.84
N ASP A 3 3.07 18.53 1.77
CA ASP A 3 3.68 18.74 0.42
C ASP A 3 2.58 18.90 -0.63
N GLU A 4 1.70 19.85 -0.43
CA GLU A 4 0.60 20.07 -1.41
C GLU A 4 -0.31 18.85 -1.44
N LYS A 5 -1.49 18.96 -0.88
CA LYS A 5 -2.44 17.81 -0.88
C LYS A 5 -2.47 17.13 -2.25
N LEU A 6 -2.79 17.87 -3.28
CA LEU A 6 -2.84 17.28 -4.64
C LEU A 6 -3.69 16.00 -4.66
N ARG A 7 -3.70 15.30 -5.76
CA ARG A 7 -4.51 14.05 -5.84
C ARG A 7 -3.71 12.84 -5.34
N ASP A 8 -4.34 12.00 -4.56
CA ASP A 8 -3.64 10.79 -4.03
C ASP A 8 -4.57 9.57 -4.12
N LEU A 9 -5.83 9.76 -3.85
CA LEU A 9 -6.79 8.62 -3.92
C LEU A 9 -6.64 7.87 -5.24
N TYR A 10 -6.27 8.56 -6.29
CA TYR A 10 -6.11 7.88 -7.61
C TYR A 10 -5.39 6.54 -7.43
N SER A 11 -4.52 6.44 -6.46
CA SER A 11 -3.79 5.16 -6.23
C SER A 11 -4.57 4.28 -5.25
N LYS A 12 -5.87 4.28 -5.33
CA LYS A 12 -6.68 3.46 -4.39
C LYS A 12 -6.66 1.98 -4.82
N SER A 13 -7.70 1.26 -4.53
CA SER A 13 -7.75 -0.19 -4.91
C SER A 13 -7.60 -0.37 -6.43
N THR A 14 -8.41 0.30 -7.21
CA THR A 14 -8.31 0.16 -8.69
C THR A 14 -6.86 0.12 -9.14
N ALA A 15 -6.16 1.22 -9.03
CA ALA A 15 -4.74 1.25 -9.46
C ALA A 15 -3.95 0.11 -8.81
N ALA A 16 -4.29 -0.26 -7.60
CA ALA A 16 -3.56 -1.36 -6.92
C ALA A 16 -4.09 -2.73 -7.38
N MET A 17 -3.70 -3.78 -6.72
CA MET A 17 -4.17 -5.14 -7.12
C MET A 17 -3.67 -6.20 -6.13
N SER A 18 -4.27 -6.27 -4.97
CA SER A 18 -3.84 -7.28 -3.96
C SER A 18 -2.31 -7.42 -3.93
N THR A 19 -1.63 -6.45 -3.37
CA THR A 19 -0.14 -6.52 -3.31
C THR A 19 0.42 -7.04 -4.64
N TYR A 20 0.34 -6.26 -5.68
CA TYR A 20 0.88 -6.71 -7.00
C TYR A 20 1.36 -5.50 -7.80
N THR A 21 2.51 -4.96 -7.44
CA THR A 21 3.03 -3.78 -8.17
C THR A 21 4.32 -4.15 -8.93
N GLY A 22 5.35 -4.50 -8.22
CA GLY A 22 6.62 -4.87 -8.91
C GLY A 22 7.45 -5.81 -8.02
N ILE A 23 7.52 -5.55 -6.73
CA ILE A 23 8.32 -6.44 -5.86
C ILE A 23 7.77 -6.47 -4.42
N PHE A 24 6.52 -6.83 -4.25
CA PHE A 24 5.96 -6.88 -2.88
C PHE A 24 6.83 -7.80 -2.00
N THR A 25 7.44 -7.25 -0.98
CA THR A 25 8.32 -8.09 -0.11
C THR A 25 8.10 -7.77 1.37
N ASP A 26 8.33 -8.72 2.23
CA ASP A 26 8.14 -8.48 3.70
C ASP A 26 6.66 -8.25 4.04
N GLN A 27 6.05 -7.27 3.42
CA GLN A 27 4.60 -6.93 3.67
C GLN A 27 3.80 -8.08 4.30
N VAL A 28 3.45 -9.07 3.52
CA VAL A 28 2.65 -10.21 4.07
C VAL A 28 3.15 -10.67 5.43
N LEU A 29 4.44 -10.61 5.66
CA LEU A 29 4.98 -11.08 6.98
C LEU A 29 4.95 -9.97 8.03
N SER A 30 4.55 -8.78 7.65
CA SER A 30 4.51 -7.67 8.65
C SER A 30 3.11 -7.06 8.73
N VAL A 31 2.09 -7.87 8.64
CA VAL A 31 0.70 -7.34 8.71
C VAL A 31 -0.13 -8.18 9.68
N LEU A 32 -0.08 -9.48 9.53
CA LEU A 32 -0.85 -10.38 10.43
C LEU A 32 -0.77 -9.87 11.88
N LYS A 33 0.42 -9.65 12.37
CA LYS A 33 0.56 -9.17 13.78
C LYS A 33 1.72 -8.19 13.89
N GLY A 34 1.79 -7.23 13.01
CA GLY A 34 2.92 -6.24 13.07
C GLY A 34 4.26 -6.98 13.07
N GLU A 35 4.74 -7.37 14.21
CA GLU A 35 6.04 -8.09 14.26
C GLU A 35 5.99 -9.23 15.29
N GLU A 36 4.81 -9.69 15.62
CA GLU A 36 4.71 -10.80 16.61
C GLU A 36 5.67 -11.94 16.24
N ALA A 1 -5.76 25.66 -2.55
CA ALA A 1 -4.54 24.83 -2.36
C ALA A 1 -4.92 23.46 -1.78
N VAL A 2 -4.69 22.42 -2.54
CA VAL A 2 -5.03 21.06 -2.04
C VAL A 2 -3.89 20.08 -2.33
N ASP A 3 -2.92 20.01 -1.46
CA ASP A 3 -1.78 19.08 -1.69
C ASP A 3 -1.71 18.04 -0.56
N GLU A 4 -2.19 18.39 0.60
CA GLU A 4 -2.16 17.42 1.74
C GLU A 4 -2.57 16.03 1.27
N LYS A 5 -3.82 15.87 0.92
CA LYS A 5 -4.30 14.54 0.44
C LYS A 5 -4.18 13.50 1.56
N LEU A 6 -5.14 13.45 2.43
CA LEU A 6 -5.09 12.45 3.55
C LEU A 6 -4.65 11.09 3.01
N ARG A 7 -5.36 10.56 2.07
CA ARG A 7 -4.99 9.23 1.49
C ARG A 7 -4.33 9.41 0.12
N ASP A 8 -3.04 9.60 0.10
CA ASP A 8 -2.35 9.79 -1.20
C ASP A 8 -1.53 8.53 -1.55
N LEU A 9 -1.59 7.53 -0.72
CA LEU A 9 -0.80 6.29 -1.00
C LEU A 9 -1.04 5.83 -2.45
N TYR A 10 -2.23 6.07 -2.96
CA TYR A 10 -2.53 5.65 -4.36
C TYR A 10 -1.34 5.97 -5.27
N SER A 11 -0.79 7.15 -5.14
CA SER A 11 0.36 7.52 -5.99
C SER A 11 1.51 6.54 -5.79
N LYS A 12 1.79 6.19 -4.57
CA LYS A 12 2.91 5.24 -4.31
C LYS A 12 2.46 4.17 -3.29
N SER A 13 1.45 3.41 -3.64
CA SER A 13 0.96 2.35 -2.69
C SER A 13 0.73 1.03 -3.44
N THR A 14 -0.04 1.06 -4.49
CA THR A 14 -0.30 -0.21 -5.25
C THR A 14 0.05 -0.04 -6.72
N ALA A 15 0.88 0.91 -7.04
CA ALA A 15 1.28 1.12 -8.46
C ALA A 15 2.40 0.15 -8.85
N ALA A 16 2.09 -1.11 -8.96
CA ALA A 16 3.14 -2.10 -9.33
C ALA A 16 4.23 -2.12 -8.26
N MET A 17 3.85 -2.02 -7.01
CA MET A 17 4.85 -2.03 -5.90
C MET A 17 5.94 -3.06 -6.16
N SER A 18 7.04 -2.67 -6.73
CA SER A 18 8.14 -3.64 -6.99
C SER A 18 7.59 -4.85 -7.75
N THR A 19 7.19 -5.89 -7.06
CA THR A 19 6.65 -7.09 -7.76
C THR A 19 5.56 -7.76 -6.90
N TYR A 20 4.35 -7.28 -7.00
CA TYR A 20 3.25 -7.89 -6.19
C TYR A 20 1.94 -7.91 -6.98
N THR A 21 1.54 -9.05 -7.47
CA THR A 21 0.26 -9.13 -8.24
C THR A 21 -0.88 -9.54 -7.32
N GLY A 22 -0.79 -10.69 -6.71
CA GLY A 22 -1.87 -11.15 -5.80
C GLY A 22 -1.29 -11.40 -4.41
N ILE A 23 -0.43 -12.38 -4.28
CA ILE A 23 0.15 -12.66 -2.94
C ILE A 23 1.50 -13.40 -3.09
N PHE A 24 2.56 -12.66 -3.25
CA PHE A 24 3.90 -13.30 -3.36
C PHE A 24 4.70 -12.96 -2.09
N THR A 25 5.21 -13.94 -1.39
CA THR A 25 5.95 -13.62 -0.14
C THR A 25 4.98 -12.96 0.84
N ASP A 26 4.06 -13.73 1.34
CA ASP A 26 3.04 -13.19 2.30
C ASP A 26 3.62 -12.12 3.23
N GLN A 27 4.89 -12.18 3.50
CA GLN A 27 5.50 -11.16 4.41
C GLN A 27 5.02 -9.74 4.05
N VAL A 28 4.80 -9.45 2.80
CA VAL A 28 4.34 -8.07 2.44
C VAL A 28 2.81 -7.98 2.44
N LEU A 29 2.14 -8.95 2.98
CA LEU A 29 0.65 -8.88 3.01
C LEU A 29 0.16 -8.64 4.45
N SER A 30 0.87 -7.83 5.18
CA SER A 30 0.47 -7.53 6.58
C SER A 30 0.96 -6.13 6.98
N VAL A 31 1.00 -5.23 6.03
CA VAL A 31 1.48 -3.84 6.33
C VAL A 31 0.31 -2.85 6.19
N LEU A 32 -0.51 -3.01 5.20
CA LEU A 32 -1.66 -2.07 5.02
C LEU A 32 -2.85 -2.53 5.86
N LYS A 33 -2.61 -2.89 7.09
CA LYS A 33 -3.73 -3.35 7.96
C LYS A 33 -3.86 -2.43 9.19
N GLY A 34 -3.12 -1.35 9.21
CA GLY A 34 -3.20 -0.43 10.36
C GLY A 34 -2.21 -0.87 11.44
N GLU A 35 -0.95 -0.88 11.13
CA GLU A 35 0.07 -1.33 12.13
C GLU A 35 -0.12 -2.82 12.44
N GLU A 36 0.84 -3.63 12.11
CA GLU A 36 0.71 -5.09 12.37
C GLU A 36 2.06 -5.69 12.78
N ALA A 1 -3.31 27.51 -0.69
CA ALA A 1 -1.94 27.00 -0.38
C ALA A 1 -1.57 25.85 -1.32
N VAL A 2 -0.54 26.01 -2.09
CA VAL A 2 -0.15 24.91 -3.02
C VAL A 2 1.30 24.47 -2.75
N ASP A 3 1.54 23.88 -1.61
CA ASP A 3 2.93 23.43 -1.27
C ASP A 3 2.95 21.91 -1.11
N GLU A 4 2.14 21.21 -1.86
CA GLU A 4 2.12 19.72 -1.75
C GLU A 4 1.16 19.13 -2.80
N LYS A 5 1.59 19.04 -4.02
CA LYS A 5 0.70 18.49 -5.09
C LYS A 5 1.04 17.03 -5.39
N LEU A 6 2.03 16.80 -6.21
CA LEU A 6 2.39 15.40 -6.55
C LEU A 6 1.13 14.63 -6.98
N ARG A 7 0.12 15.34 -7.41
CA ARG A 7 -1.14 14.69 -7.85
C ARG A 7 -1.71 13.77 -6.77
N ASP A 8 -2.90 14.05 -6.32
CA ASP A 8 -3.54 13.19 -5.29
C ASP A 8 -4.51 12.23 -5.99
N LEU A 9 -4.04 11.56 -7.03
CA LEU A 9 -4.93 10.64 -7.80
C LEU A 9 -4.94 9.23 -7.18
N TYR A 10 -4.42 9.07 -5.98
CA TYR A 10 -4.44 7.71 -5.36
C TYR A 10 -5.78 7.48 -4.67
N SER A 11 -6.73 8.36 -4.88
CA SER A 11 -8.06 8.20 -4.22
C SER A 11 -9.00 7.34 -5.07
N LYS A 12 -8.88 6.04 -4.99
CA LYS A 12 -9.78 5.14 -5.79
C LYS A 12 -9.35 3.68 -5.60
N SER A 13 -8.08 3.42 -5.72
CA SER A 13 -7.58 2.02 -5.55
C SER A 13 -6.05 2.02 -5.52
N THR A 14 -5.43 0.87 -5.53
CA THR A 14 -3.93 0.81 -5.52
C THR A 14 -3.35 1.39 -4.22
N ALA A 15 -3.70 2.61 -3.87
CA ALA A 15 -3.16 3.23 -2.63
C ALA A 15 -3.10 2.21 -1.47
N ALA A 16 -3.91 1.17 -1.50
CA ALA A 16 -3.90 0.15 -0.40
C ALA A 16 -4.64 0.69 0.82
N MET A 17 -5.83 1.20 0.62
CA MET A 17 -6.61 1.75 1.75
C MET A 17 -8.10 1.46 1.54
N SER A 18 -8.71 2.14 0.62
CA SER A 18 -10.17 1.91 0.35
C SER A 18 -10.50 0.41 0.36
N THR A 19 -10.15 -0.29 -0.68
CA THR A 19 -10.47 -1.74 -0.73
C THR A 19 -9.24 -2.55 -1.18
N TYR A 20 -8.65 -3.29 -0.27
CA TYR A 20 -7.45 -4.10 -0.63
C TYR A 20 -6.88 -4.79 0.62
N THR A 21 -7.01 -6.09 0.72
CA THR A 21 -6.48 -6.79 1.92
C THR A 21 -6.33 -8.29 1.64
N GLY A 22 -7.35 -8.93 1.14
CA GLY A 22 -7.26 -10.39 0.86
C GLY A 22 -6.60 -10.61 -0.50
N ILE A 23 -5.31 -10.46 -0.58
CA ILE A 23 -4.60 -10.65 -1.88
C ILE A 23 -3.10 -10.43 -1.69
N PHE A 24 -2.45 -11.31 -0.98
CA PHE A 24 -0.99 -11.15 -0.76
C PHE A 24 -0.28 -12.51 -0.70
N THR A 25 0.90 -12.60 -1.24
CA THR A 25 1.64 -13.89 -1.21
C THR A 25 3.16 -13.63 -1.27
N ASP A 26 3.95 -14.59 -0.88
CA ASP A 26 5.42 -14.40 -0.92
C ASP A 26 5.82 -13.15 -0.12
N GLN A 27 7.08 -13.02 0.20
CA GLN A 27 7.56 -11.84 0.97
C GLN A 27 6.54 -11.45 2.06
N VAL A 28 5.63 -10.57 1.75
CA VAL A 28 4.61 -10.13 2.76
C VAL A 28 4.15 -11.31 3.61
N LEU A 29 4.16 -12.50 3.07
CA LEU A 29 3.71 -13.68 3.86
C LEU A 29 4.91 -14.44 4.45
N SER A 30 6.01 -13.77 4.64
CA SER A 30 7.21 -14.46 5.20
C SER A 30 8.10 -13.46 5.94
N VAL A 31 7.52 -12.60 6.73
CA VAL A 31 8.33 -11.60 7.48
C VAL A 31 8.00 -11.67 8.97
N LEU A 32 7.26 -12.67 9.39
CA LEU A 32 6.92 -12.79 10.83
C LEU A 32 7.88 -13.74 11.54
N LYS A 33 9.10 -13.84 11.06
CA LYS A 33 10.08 -14.76 11.71
C LYS A 33 11.47 -14.12 11.71
N GLY A 34 11.56 -12.82 11.69
CA GLY A 34 12.88 -12.15 11.70
C GLY A 34 13.25 -11.79 13.15
N GLU A 35 12.35 -11.15 13.84
CA GLU A 35 12.62 -10.77 15.26
C GLU A 35 11.37 -11.00 16.10
N GLU A 36 10.42 -11.72 15.58
CA GLU A 36 9.17 -11.99 16.33
C GLU A 36 8.92 -13.51 16.40
N ALA A 1 5.84 22.96 2.74
CA ALA A 1 5.33 21.66 2.23
C ALA A 1 3.82 21.73 2.02
N VAL A 2 3.38 21.54 0.80
CA VAL A 2 1.92 21.59 0.51
C VAL A 2 1.48 20.31 -0.18
N ASP A 3 1.16 19.29 0.57
CA ASP A 3 0.72 18.01 -0.05
C ASP A 3 -0.76 18.11 -0.44
N GLU A 4 -1.54 18.83 0.32
CA GLU A 4 -2.99 18.97 -0.01
C GLU A 4 -3.62 17.59 -0.26
N LYS A 5 -3.57 17.12 -1.47
CA LYS A 5 -4.16 15.78 -1.77
C LYS A 5 -3.35 15.09 -2.87
N LEU A 6 -2.61 14.07 -2.52
CA LEU A 6 -1.79 13.37 -3.56
C LEU A 6 -2.67 12.40 -4.36
N ARG A 7 -3.78 12.88 -4.85
CA ARG A 7 -4.68 12.00 -5.67
C ARG A 7 -4.77 10.60 -5.07
N ASP A 8 -4.86 10.49 -3.77
CA ASP A 8 -4.98 9.13 -3.16
C ASP A 8 -6.13 8.37 -3.83
N LEU A 9 -7.04 9.09 -4.43
CA LEU A 9 -8.20 8.45 -5.11
C LEU A 9 -7.71 7.38 -6.10
N TYR A 10 -6.52 7.51 -6.62
CA TYR A 10 -6.02 6.50 -7.58
C TYR A 10 -5.04 5.55 -6.91
N SER A 11 -4.06 6.08 -6.23
CA SER A 11 -3.05 5.20 -5.55
C SER A 11 -3.73 4.19 -4.63
N LYS A 12 -4.86 4.53 -4.08
CA LYS A 12 -5.57 3.59 -3.16
C LYS A 12 -6.67 2.84 -3.92
N SER A 13 -7.39 2.00 -3.23
CA SER A 13 -8.50 1.22 -3.88
C SER A 13 -7.96 0.30 -4.99
N THR A 14 -8.02 0.71 -6.23
CA THR A 14 -7.53 -0.15 -7.33
C THR A 14 -6.23 -0.86 -6.95
N ALA A 15 -5.43 -0.23 -6.13
CA ALA A 15 -4.14 -0.87 -5.72
C ALA A 15 -4.31 -1.63 -4.40
N ALA A 16 -5.22 -2.56 -4.35
CA ALA A 16 -5.43 -3.33 -3.10
C ALA A 16 -5.92 -4.75 -3.41
N MET A 17 -5.84 -5.15 -4.65
CA MET A 17 -6.31 -6.53 -4.99
C MET A 17 -6.21 -6.78 -6.50
N SER A 18 -6.82 -5.93 -7.29
CA SER A 18 -6.77 -6.13 -8.78
C SER A 18 -5.37 -6.55 -9.22
N THR A 19 -4.41 -5.66 -9.17
CA THR A 19 -3.03 -6.02 -9.61
C THR A 19 -2.02 -5.69 -8.52
N TYR A 20 -1.44 -6.69 -7.91
CA TYR A 20 -0.43 -6.44 -6.83
C TYR A 20 0.05 -7.76 -6.25
N THR A 21 1.33 -7.98 -6.26
CA THR A 21 1.87 -9.25 -5.70
C THR A 21 3.40 -9.15 -5.56
N GLY A 22 4.10 -9.02 -6.66
CA GLY A 22 5.57 -8.92 -6.58
C GLY A 22 5.99 -7.44 -6.55
N ILE A 23 5.80 -6.80 -5.43
CA ILE A 23 6.18 -5.35 -5.32
C ILE A 23 5.95 -4.86 -3.89
N PHE A 24 6.75 -5.32 -2.96
CA PHE A 24 6.58 -4.89 -1.54
C PHE A 24 7.86 -4.22 -1.04
N THR A 25 8.99 -4.70 -1.46
CA THR A 25 10.28 -4.09 -1.00
C THR A 25 10.39 -4.18 0.53
N ASP A 26 10.41 -5.38 1.07
CA ASP A 26 10.52 -5.54 2.55
C ASP A 26 9.23 -5.10 3.26
N GLN A 27 9.29 -4.98 4.56
CA GLN A 27 8.09 -4.57 5.33
C GLN A 27 7.06 -5.70 5.36
N VAL A 28 7.41 -6.86 4.89
CA VAL A 28 6.45 -7.99 4.91
C VAL A 28 6.99 -9.13 5.76
N LEU A 29 7.48 -8.83 6.93
CA LEU A 29 8.04 -9.88 7.83
C LEU A 29 7.58 -9.63 9.26
N SER A 30 7.76 -8.43 9.76
CA SER A 30 7.34 -8.14 11.15
C SER A 30 5.81 -8.19 11.25
N VAL A 31 5.14 -8.18 10.13
CA VAL A 31 3.65 -8.25 10.14
C VAL A 31 3.22 -9.62 9.62
N LEU A 32 3.71 -10.67 10.22
CA LEU A 32 3.35 -12.04 9.75
C LEU A 32 1.87 -12.15 9.41
N LYS A 33 1.01 -11.81 10.33
CA LYS A 33 -0.45 -11.90 10.04
C LYS A 33 -1.24 -11.27 11.18
N GLY A 34 -0.75 -10.21 11.75
CA GLY A 34 -1.48 -9.55 12.87
C GLY A 34 -1.70 -10.53 14.02
N GLU A 35 -0.73 -11.37 14.29
CA GLU A 35 -0.89 -12.35 15.40
C GLU A 35 0.18 -12.13 16.48
N GLU A 36 0.64 -10.92 16.63
CA GLU A 36 1.68 -10.64 17.66
C GLU A 36 1.52 -9.21 18.21
N ALA A 1 5.35 9.18 3.80
CA ALA A 1 5.11 10.61 4.13
C ALA A 1 3.62 10.86 4.38
N VAL A 2 3.25 11.26 5.56
CA VAL A 2 1.81 11.52 5.86
C VAL A 2 1.50 13.01 5.80
N ASP A 3 1.78 13.64 4.70
CA ASP A 3 1.51 15.11 4.57
C ASP A 3 2.08 15.63 3.26
N GLU A 4 1.63 15.10 2.14
CA GLU A 4 2.17 15.57 0.84
C GLU A 4 1.04 15.67 -0.20
N LYS A 5 1.38 15.71 -1.45
CA LYS A 5 0.33 15.82 -2.50
C LYS A 5 0.28 14.53 -3.32
N LEU A 6 0.39 13.40 -2.68
CA LEU A 6 0.33 12.11 -3.44
C LEU A 6 -1.12 11.80 -3.83
N ARG A 7 -2.04 12.65 -3.44
CA ARG A 7 -3.47 12.41 -3.80
C ARG A 7 -3.96 11.07 -3.24
N ASP A 8 -5.06 11.07 -2.54
CA ASP A 8 -5.60 9.80 -2.00
C ASP A 8 -6.54 9.18 -3.04
N LEU A 9 -7.16 10.01 -3.83
CA LEU A 9 -8.07 9.50 -4.90
C LEU A 9 -7.37 8.38 -5.69
N TYR A 10 -6.06 8.39 -5.67
CA TYR A 10 -5.29 7.34 -6.40
C TYR A 10 -5.56 5.97 -5.78
N SER A 11 -6.16 5.93 -4.62
CA SER A 11 -6.45 4.64 -3.96
C SER A 11 -7.97 4.46 -3.81
N LYS A 12 -8.62 3.89 -4.78
CA LYS A 12 -10.09 3.70 -4.70
C LYS A 12 -10.45 2.22 -4.61
N SER A 13 -9.98 1.43 -5.55
CA SER A 13 -10.32 -0.03 -5.50
C SER A 13 -9.35 -0.84 -6.36
N THR A 14 -9.28 -0.59 -7.64
CA THR A 14 -8.37 -1.39 -8.51
C THR A 14 -7.34 -0.51 -9.23
N ALA A 15 -7.21 0.73 -8.84
CA ALA A 15 -6.20 1.60 -9.53
C ALA A 15 -4.81 1.31 -8.95
N ALA A 16 -4.23 0.21 -9.31
CA ALA A 16 -2.90 -0.14 -8.73
C ALA A 16 -3.06 -0.26 -7.22
N MET A 17 -4.03 -1.03 -6.80
CA MET A 17 -4.30 -1.22 -5.34
C MET A 17 -3.00 -1.21 -4.52
N SER A 18 -3.04 -0.62 -3.37
CA SER A 18 -1.82 -0.56 -2.52
C SER A 18 -1.18 -1.95 -2.37
N THR A 19 0.11 -1.99 -2.26
CA THR A 19 0.80 -3.31 -2.11
C THR A 19 0.20 -4.33 -3.07
N TYR A 20 -0.15 -3.90 -4.26
CA TYR A 20 -0.73 -4.86 -5.24
C TYR A 20 -0.53 -4.35 -6.67
N THR A 21 0.66 -4.49 -7.19
CA THR A 21 0.93 -4.03 -8.59
C THR A 21 1.48 -5.19 -9.43
N GLY A 22 2.73 -5.52 -9.26
CA GLY A 22 3.30 -6.64 -10.07
C GLY A 22 4.27 -7.50 -9.23
N ILE A 23 4.59 -7.12 -8.03
CA ILE A 23 5.54 -7.94 -7.22
C ILE A 23 5.65 -7.41 -5.79
N PHE A 24 4.56 -7.30 -5.09
CA PHE A 24 4.63 -6.79 -3.68
C PHE A 24 5.50 -7.73 -2.81
N THR A 25 5.47 -8.99 -3.11
CA THR A 25 6.29 -9.99 -2.32
C THR A 25 5.84 -9.95 -0.85
N ASP A 26 5.80 -11.08 -0.20
CA ASP A 26 5.36 -11.10 1.23
C ASP A 26 6.36 -10.31 2.10
N GLN A 27 6.46 -10.64 3.35
CA GLN A 27 7.41 -9.92 4.25
C GLN A 27 6.97 -8.47 4.44
N VAL A 28 6.85 -7.72 3.37
CA VAL A 28 6.44 -6.30 3.47
C VAL A 28 5.22 -6.15 4.41
N LEU A 29 4.48 -7.20 4.61
CA LEU A 29 3.29 -7.10 5.50
C LEU A 29 3.47 -7.90 6.79
N SER A 30 4.63 -7.83 7.39
CA SER A 30 4.86 -8.59 8.66
C SER A 30 5.80 -7.80 9.57
N VAL A 31 5.65 -6.50 9.63
CA VAL A 31 6.52 -5.68 10.50
C VAL A 31 5.74 -5.14 11.70
N LEU A 32 4.54 -4.68 11.47
CA LEU A 32 3.72 -4.13 12.59
C LEU A 32 2.41 -4.91 12.75
N LYS A 33 2.48 -6.20 12.83
CA LYS A 33 1.22 -7.00 12.98
C LYS A 33 1.54 -8.50 12.92
N GLY A 34 2.28 -8.99 13.88
CA GLY A 34 2.62 -10.44 13.90
C GLY A 34 2.98 -10.92 12.48
N GLU A 35 2.10 -11.65 11.86
CA GLU A 35 2.38 -12.15 10.48
C GLU A 35 1.18 -11.88 9.57
N GLU A 36 0.16 -11.24 10.09
CA GLU A 36 -1.04 -10.96 9.25
C GLU A 36 -1.42 -12.20 8.45
N ALA A 1 -5.78 27.14 -8.81
CA ALA A 1 -6.43 26.34 -7.74
C ALA A 1 -5.48 26.16 -6.56
N VAL A 2 -5.84 26.68 -5.42
CA VAL A 2 -4.95 26.54 -4.22
C VAL A 2 -5.79 26.13 -3.00
N ASP A 3 -6.31 24.93 -3.01
CA ASP A 3 -7.12 24.45 -1.85
C ASP A 3 -6.33 23.39 -1.07
N GLU A 4 -5.03 23.41 -1.18
CA GLU A 4 -4.20 22.41 -0.44
C GLU A 4 -4.63 20.99 -0.84
N LYS A 5 -3.92 20.39 -1.76
CA LYS A 5 -4.28 19.02 -2.20
C LYS A 5 -3.44 18.62 -3.41
N LEU A 6 -2.21 18.23 -3.20
CA LEU A 6 -1.34 17.85 -4.35
C LEU A 6 -1.93 16.62 -5.08
N ARG A 7 -2.98 16.82 -5.82
CA ARG A 7 -3.61 15.68 -6.55
C ARG A 7 -3.64 14.42 -5.69
N ASP A 8 -4.50 14.38 -4.70
CA ASP A 8 -4.57 13.16 -3.84
C ASP A 8 -4.66 11.93 -4.74
N LEU A 9 -5.17 12.11 -5.92
CA LEU A 9 -5.29 10.98 -6.88
C LEU A 9 -4.05 10.10 -6.83
N TYR A 10 -2.93 10.64 -7.20
CA TYR A 10 -1.66 9.84 -7.18
C TYR A 10 -1.47 9.16 -5.82
N SER A 11 -2.10 9.66 -4.80
CA SER A 11 -1.95 9.04 -3.45
C SER A 11 -3.26 8.37 -3.02
N LYS A 12 -3.58 7.25 -3.61
CA LYS A 12 -4.84 6.55 -3.22
C LYS A 12 -4.93 5.16 -3.87
N SER A 13 -4.64 5.05 -5.13
CA SER A 13 -4.75 3.72 -5.79
C SER A 13 -3.37 3.09 -6.05
N THR A 14 -2.50 3.79 -6.72
CA THR A 14 -1.15 3.20 -7.02
C THR A 14 -0.19 3.30 -5.82
N ALA A 15 -0.71 3.46 -4.62
CA ALA A 15 0.19 3.55 -3.43
C ALA A 15 0.46 2.14 -2.89
N ALA A 16 0.38 1.14 -3.72
CA ALA A 16 0.62 -0.27 -3.26
C ALA A 16 -0.55 -0.75 -2.41
N MET A 17 -1.72 -0.15 -2.62
CA MET A 17 -2.98 -0.49 -1.88
C MET A 17 -2.81 -1.60 -0.83
N SER A 18 -2.02 -1.34 0.19
CA SER A 18 -1.82 -2.37 1.24
C SER A 18 -1.40 -3.71 0.63
N THR A 19 -0.14 -4.07 0.77
CA THR A 19 0.36 -5.36 0.21
C THR A 19 -0.27 -5.65 -1.16
N TYR A 20 -0.38 -4.66 -2.01
CA TYR A 20 -0.97 -4.90 -3.36
C TYR A 20 -0.04 -4.33 -4.44
N THR A 21 1.02 -5.03 -4.74
CA THR A 21 1.96 -4.53 -5.78
C THR A 21 2.12 -5.57 -6.90
N GLY A 22 2.46 -6.78 -6.55
CA GLY A 22 2.64 -7.83 -7.59
C GLY A 22 1.52 -8.86 -7.47
N ILE A 23 1.66 -9.80 -6.57
CA ILE A 23 0.62 -10.84 -6.39
C ILE A 23 0.74 -11.47 -5.00
N PHE A 24 1.94 -11.67 -4.55
CA PHE A 24 2.13 -12.29 -3.20
C PHE A 24 3.63 -12.48 -2.94
N THR A 25 4.31 -11.44 -2.55
CA THR A 25 5.78 -11.56 -2.29
C THR A 25 6.22 -10.53 -1.24
N ASP A 26 7.19 -10.88 -0.43
CA ASP A 26 7.68 -9.93 0.60
C ASP A 26 6.49 -9.33 1.37
N GLN A 27 6.76 -8.46 2.30
CA GLN A 27 5.67 -7.82 3.11
C GLN A 27 4.86 -8.89 3.85
N VAL A 28 4.04 -9.63 3.15
CA VAL A 28 3.22 -10.68 3.82
C VAL A 28 4.03 -11.96 4.01
N LEU A 29 5.13 -11.89 4.73
CA LEU A 29 5.96 -13.11 4.95
C LEU A 29 6.42 -13.18 6.41
N SER A 30 5.55 -12.91 7.34
CA SER A 30 5.96 -12.95 8.78
C SER A 30 4.86 -12.38 9.67
N VAL A 31 3.70 -12.96 9.64
CA VAL A 31 2.58 -12.43 10.49
C VAL A 31 2.37 -13.30 11.73
N LEU A 32 2.35 -14.60 11.57
CA LEU A 32 2.12 -15.50 12.74
C LEU A 32 3.42 -15.68 13.54
N LYS A 33 4.55 -15.58 12.91
CA LYS A 33 5.83 -15.76 13.65
C LYS A 33 6.26 -14.45 14.32
N GLY A 34 5.35 -13.53 14.50
CA GLY A 34 5.71 -12.24 15.15
C GLY A 34 5.74 -12.42 16.68
N GLU A 35 4.93 -13.31 17.19
CA GLU A 35 4.90 -13.52 18.66
C GLU A 35 4.45 -14.96 18.97
N GLU A 36 4.67 -15.87 18.07
CA GLU A 36 4.25 -17.28 18.30
C GLU A 36 5.03 -17.88 19.48
N ALA A 1 -13.50 22.10 -9.38
CA ALA A 1 -12.41 23.13 -9.34
C ALA A 1 -11.28 22.73 -10.29
N VAL A 2 -11.14 23.43 -11.38
CA VAL A 2 -10.06 23.10 -12.36
C VAL A 2 -8.78 23.89 -12.04
N ASP A 3 -8.48 24.05 -10.78
CA ASP A 3 -7.25 24.81 -10.39
C ASP A 3 -7.10 24.78 -8.88
N GLU A 4 -7.19 23.61 -8.30
CA GLU A 4 -7.05 23.51 -6.82
C GLU A 4 -7.02 22.03 -6.41
N LYS A 5 -5.87 21.41 -6.45
CA LYS A 5 -5.78 19.97 -6.08
C LYS A 5 -4.38 19.62 -5.58
N LEU A 6 -3.37 20.18 -6.20
CA LEU A 6 -1.97 19.88 -5.76
C LEU A 6 -1.60 18.44 -6.10
N ARG A 7 -1.71 18.06 -7.35
CA ARG A 7 -1.36 16.67 -7.75
C ARG A 7 -1.89 15.66 -6.73
N ASP A 8 -3.18 15.48 -6.68
CA ASP A 8 -3.76 14.50 -5.71
C ASP A 8 -3.31 13.08 -6.07
N LEU A 9 -3.17 12.80 -7.33
CA LEU A 9 -2.73 11.44 -7.75
C LEU A 9 -1.54 10.97 -6.89
N TYR A 10 -0.77 11.91 -6.39
CA TYR A 10 0.45 11.62 -5.52
C TYR A 10 0.48 10.15 -5.03
N SER A 11 -0.56 9.69 -4.41
CA SER A 11 -0.56 8.29 -3.92
C SER A 11 -0.48 7.30 -5.09
N LYS A 12 0.66 7.18 -5.71
CA LYS A 12 0.80 6.22 -6.85
C LYS A 12 1.97 5.26 -6.62
N SER A 13 2.48 5.19 -5.41
CA SER A 13 3.63 4.28 -5.17
C SER A 13 3.61 3.73 -3.73
N THR A 14 3.86 4.56 -2.76
CA THR A 14 3.87 4.07 -1.35
C THR A 14 2.58 3.31 -1.03
N ALA A 15 1.51 3.60 -1.71
CA ALA A 15 0.23 2.88 -1.44
C ALA A 15 -0.15 2.03 -2.66
N ALA A 16 0.68 1.09 -3.01
CA ALA A 16 0.35 0.22 -4.19
C ALA A 16 0.88 -1.20 -3.97
N MET A 17 2.06 -1.33 -3.44
CA MET A 17 2.65 -2.68 -3.22
C MET A 17 2.77 -2.97 -1.71
N SER A 18 3.02 -4.20 -1.35
CA SER A 18 3.16 -4.58 0.10
C SER A 18 1.79 -4.63 0.78
N THR A 19 0.98 -3.62 0.62
CA THR A 19 -0.37 -3.66 1.27
C THR A 19 -1.31 -2.67 0.58
N TYR A 20 -1.99 -3.13 -0.45
CA TYR A 20 -2.96 -2.24 -1.18
C TYR A 20 -3.83 -1.46 -0.21
N THR A 21 -3.39 -0.30 0.24
CA THR A 21 -4.21 0.51 1.19
C THR A 21 -4.93 -0.38 2.20
N GLY A 22 -4.21 -0.93 3.14
CA GLY A 22 -4.86 -1.83 4.14
C GLY A 22 -5.59 -2.94 3.39
N ILE A 23 -5.00 -4.10 3.30
CA ILE A 23 -5.66 -5.21 2.57
C ILE A 23 -4.88 -6.52 2.76
N PHE A 24 -4.64 -6.92 3.97
CA PHE A 24 -3.89 -8.19 4.21
C PHE A 24 -3.81 -8.50 5.70
N THR A 25 -4.41 -9.59 6.12
CA THR A 25 -4.38 -9.96 7.56
C THR A 25 -4.53 -11.48 7.71
N ASP A 26 -4.03 -12.04 8.78
CA ASP A 26 -4.14 -13.51 8.98
C ASP A 26 -3.58 -14.26 7.76
N GLN A 27 -3.44 -15.56 7.84
CA GLN A 27 -2.90 -16.34 6.69
C GLN A 27 -1.53 -15.80 6.28
N VAL A 28 -1.50 -14.76 5.49
CA VAL A 28 -0.19 -14.19 5.06
C VAL A 28 0.45 -13.42 6.21
N LEU A 29 0.75 -14.09 7.29
CA LEU A 29 1.38 -13.38 8.44
C LEU A 29 2.00 -14.40 9.40
N SER A 30 2.75 -15.33 8.89
CA SER A 30 3.40 -16.35 9.78
C SER A 30 4.26 -17.29 8.94
N VAL A 31 5.29 -16.79 8.32
CA VAL A 31 6.16 -17.65 7.48
C VAL A 31 7.58 -17.69 8.07
N LEU A 32 8.16 -16.54 8.32
CA LEU A 32 9.54 -16.52 8.88
C LEU A 32 9.66 -17.44 10.10
N LYS A 33 8.75 -17.33 11.04
CA LYS A 33 8.83 -18.20 12.24
C LYS A 33 8.56 -19.66 11.87
N GLY A 34 8.11 -19.91 10.67
CA GLY A 34 7.83 -21.32 10.25
C GLY A 34 8.45 -21.58 8.88
N GLU A 35 9.57 -20.98 8.59
CA GLU A 35 10.21 -21.21 7.26
C GLU A 35 11.53 -20.43 7.19
N GLU A 36 12.22 -20.31 8.28
CA GLU A 36 13.53 -19.57 8.27
C GLU A 36 14.68 -20.54 7.96
N ALA A 1 -3.64 28.78 -4.37
CA ALA A 1 -3.96 27.39 -3.94
C ALA A 1 -4.04 26.47 -5.16
N VAL A 2 -3.19 25.48 -5.24
CA VAL A 2 -3.24 24.55 -6.41
C VAL A 2 -3.53 23.13 -5.94
N ASP A 3 -4.77 22.85 -5.62
CA ASP A 3 -5.12 21.47 -5.16
C ASP A 3 -6.20 20.89 -6.08
N GLU A 4 -6.47 21.55 -7.18
CA GLU A 4 -7.51 21.03 -8.12
C GLU A 4 -7.35 19.52 -8.28
N LYS A 5 -6.33 19.09 -8.97
CA LYS A 5 -6.12 17.63 -9.15
C LYS A 5 -4.62 17.32 -9.24
N LEU A 6 -3.96 17.79 -10.27
CA LEU A 6 -2.50 17.51 -10.39
C LEU A 6 -2.25 16.04 -10.07
N ARG A 7 -3.04 15.16 -10.64
CA ARG A 7 -2.86 13.72 -10.33
C ARG A 7 -2.98 13.50 -8.82
N ASP A 8 -4.05 13.97 -8.24
CA ASP A 8 -4.22 13.79 -6.76
C ASP A 8 -3.85 12.37 -6.39
N LEU A 9 -4.02 11.45 -7.31
CA LEU A 9 -3.67 10.03 -7.05
C LEU A 9 -2.24 9.93 -6.51
N TYR A 10 -1.43 10.94 -6.69
CA TYR A 10 -0.03 10.90 -6.20
C TYR A 10 0.01 10.40 -4.74
N SER A 11 -1.07 10.54 -4.02
CA SER A 11 -1.09 10.09 -2.60
C SER A 11 -1.29 8.57 -2.52
N LYS A 12 -0.54 7.83 -3.28
CA LYS A 12 -0.69 6.33 -3.23
C LYS A 12 0.53 5.71 -2.54
N SER A 13 1.49 6.51 -2.16
CA SER A 13 2.70 5.96 -1.49
C SER A 13 2.75 6.39 -0.02
N THR A 14 2.85 7.67 0.23
CA THR A 14 2.90 8.16 1.64
C THR A 14 1.87 7.43 2.51
N ALA A 15 0.83 6.93 1.91
CA ALA A 15 -0.22 6.21 2.70
C ALA A 15 0.28 4.82 3.12
N ALA A 16 1.51 4.48 2.82
CA ALA A 16 2.04 3.15 3.22
C ALA A 16 1.24 2.07 2.50
N MET A 17 0.98 2.27 1.24
CA MET A 17 0.20 1.27 0.46
C MET A 17 0.60 -0.17 0.83
N SER A 18 1.76 -0.59 0.39
CA SER A 18 2.22 -1.98 0.70
C SER A 18 1.85 -2.39 2.13
N THR A 19 2.39 -1.72 3.12
CA THR A 19 2.06 -2.09 4.52
C THR A 19 0.56 -2.37 4.67
N TYR A 20 -0.25 -1.76 3.85
CA TYR A 20 -1.71 -1.99 3.94
C TYR A 20 -2.40 -1.59 2.63
N THR A 21 -2.29 -2.41 1.62
CA THR A 21 -2.93 -2.07 0.32
C THR A 21 -4.44 -2.33 0.39
N GLY A 22 -4.84 -3.57 0.46
CA GLY A 22 -6.29 -3.89 0.54
C GLY A 22 -6.52 -4.98 1.59
N ILE A 23 -6.03 -6.16 1.35
CA ILE A 23 -6.22 -7.28 2.33
C ILE A 23 -5.48 -8.52 1.84
N PHE A 24 -4.31 -8.35 1.30
CA PHE A 24 -3.56 -9.54 0.79
C PHE A 24 -3.61 -10.69 1.82
N THR A 25 -3.24 -10.44 3.04
CA THR A 25 -3.27 -11.51 4.09
C THR A 25 -2.90 -12.88 3.50
N ASP A 26 -2.07 -12.88 2.50
CA ASP A 26 -1.69 -14.19 1.88
C ASP A 26 -0.35 -14.07 1.16
N GLN A 27 0.16 -15.18 0.67
CA GLN A 27 1.46 -15.16 -0.06
C GLN A 27 2.57 -14.58 0.82
N VAL A 28 2.64 -13.28 0.95
CA VAL A 28 3.72 -12.65 1.76
C VAL A 28 3.40 -12.74 3.26
N LEU A 29 3.05 -13.90 3.74
CA LEU A 29 2.74 -14.04 5.19
C LEU A 29 3.29 -15.37 5.73
N SER A 30 4.49 -15.72 5.35
CA SER A 30 5.07 -17.00 5.85
C SER A 30 6.58 -16.83 6.10
N VAL A 31 6.98 -15.66 6.50
CA VAL A 31 8.43 -15.43 6.76
C VAL A 31 8.68 -15.19 8.25
N LEU A 32 7.92 -14.33 8.86
CA LEU A 32 8.12 -14.05 10.32
C LEU A 32 7.91 -15.32 11.15
N LYS A 33 7.10 -16.23 10.69
CA LYS A 33 6.88 -17.48 11.47
C LYS A 33 5.98 -18.44 10.69
N GLY A 34 5.86 -19.65 11.14
CA GLY A 34 5.01 -20.63 10.42
C GLY A 34 5.79 -21.21 9.23
N GLU A 35 7.03 -20.85 9.09
CA GLU A 35 7.85 -21.37 7.95
C GLU A 35 9.29 -20.86 8.03
N GLU A 36 9.79 -20.63 9.21
CA GLU A 36 11.19 -20.14 9.34
C GLU A 36 11.88 -20.79 10.54
N ALA A 1 -5.74 26.41 -8.09
CA ALA A 1 -5.01 26.75 -6.82
C ALA A 1 -4.91 25.53 -5.92
N VAL A 2 -3.74 24.97 -5.78
CA VAL A 2 -3.57 23.78 -4.91
C VAL A 2 -2.36 23.95 -3.99
N ASP A 3 -2.58 24.26 -2.74
CA ASP A 3 -1.43 24.44 -1.81
C ASP A 3 -1.74 23.77 -0.47
N GLU A 4 -2.30 22.60 -0.49
CA GLU A 4 -2.62 21.90 0.77
C GLU A 4 -2.11 20.45 0.71
N LYS A 5 -2.90 19.49 1.13
CA LYS A 5 -2.43 18.08 1.08
C LYS A 5 -3.05 17.33 -0.10
N LEU A 6 -4.35 17.36 -0.22
CA LEU A 6 -5.01 16.65 -1.35
C LEU A 6 -4.57 15.17 -1.39
N ARG A 7 -5.15 14.38 -2.24
CA ARG A 7 -4.76 12.95 -2.32
C ARG A 7 -3.30 12.83 -2.80
N ASP A 8 -2.37 13.22 -1.97
CA ASP A 8 -0.93 13.14 -2.38
C ASP A 8 -0.46 11.69 -2.42
N LEU A 9 -1.08 10.82 -1.67
CA LEU A 9 -0.65 9.39 -1.67
C LEU A 9 -0.44 8.91 -3.12
N TYR A 10 -1.09 9.55 -4.07
CA TYR A 10 -0.93 9.13 -5.49
C TYR A 10 0.53 8.79 -5.80
N SER A 11 1.44 9.56 -5.29
CA SER A 11 2.88 9.28 -5.55
C SER A 11 3.19 7.79 -5.44
N LYS A 12 2.78 7.17 -4.36
CA LYS A 12 3.05 5.70 -4.21
C LYS A 12 2.37 4.90 -5.33
N SER A 13 2.06 3.67 -5.07
CA SER A 13 1.41 2.83 -6.12
C SER A 13 0.16 2.14 -5.58
N THR A 14 -0.57 2.79 -4.71
CA THR A 14 -1.80 2.17 -4.14
C THR A 14 -2.83 1.93 -5.26
N ALA A 15 -2.61 2.50 -6.41
CA ALA A 15 -3.57 2.34 -7.54
C ALA A 15 -3.64 0.87 -7.98
N ALA A 16 -4.26 0.02 -7.20
CA ALA A 16 -4.39 -1.41 -7.60
C ALA A 16 -3.02 -2.12 -7.57
N MET A 17 -2.03 -1.58 -8.25
CA MET A 17 -0.67 -2.22 -8.27
C MET A 17 -0.33 -2.87 -6.92
N SER A 18 -0.07 -2.08 -5.91
CA SER A 18 0.27 -2.66 -4.59
C SER A 18 -0.75 -3.73 -4.18
N THR A 19 -0.57 -4.31 -3.01
CA THR A 19 -1.51 -5.37 -2.52
C THR A 19 -1.50 -6.60 -3.44
N TYR A 20 -1.81 -6.41 -4.69
CA TYR A 20 -1.83 -7.57 -5.63
C TYR A 20 -1.02 -7.26 -6.88
N THR A 21 0.04 -7.97 -7.11
CA THR A 21 0.87 -7.74 -8.32
C THR A 21 0.82 -8.99 -9.21
N GLY A 22 1.35 -10.08 -8.72
CA GLY A 22 1.33 -11.34 -9.51
C GLY A 22 0.48 -12.38 -8.76
N ILE A 23 0.51 -12.34 -7.44
CA ILE A 23 -0.31 -13.30 -6.64
C ILE A 23 0.04 -13.18 -5.15
N PHE A 24 -0.43 -12.15 -4.49
CA PHE A 24 -0.11 -11.99 -3.04
C PHE A 24 -0.52 -13.26 -2.29
N THR A 25 0.37 -13.80 -1.49
CA THR A 25 0.03 -15.05 -0.75
C THR A 25 0.98 -15.24 0.45
N ASP A 26 0.44 -15.40 1.63
CA ASP A 26 1.30 -15.61 2.83
C ASP A 26 2.13 -14.35 3.12
N GLN A 27 2.93 -13.93 2.18
CA GLN A 27 3.77 -12.71 2.37
C GLN A 27 3.00 -11.62 3.14
N VAL A 28 2.13 -10.91 2.47
CA VAL A 28 1.37 -9.83 3.15
C VAL A 28 0.91 -10.24 4.56
N LEU A 29 0.47 -11.46 4.72
CA LEU A 29 0.00 -11.90 6.07
C LEU A 29 1.16 -12.43 6.92
N SER A 30 2.36 -12.39 6.41
CA SER A 30 3.52 -12.88 7.21
C SER A 30 4.55 -11.77 7.42
N VAL A 31 4.10 -10.54 7.53
CA VAL A 31 5.06 -9.43 7.74
C VAL A 31 4.75 -8.72 9.07
N LEU A 32 3.53 -8.32 9.27
CA LEU A 32 3.15 -7.64 10.53
C LEU A 32 3.53 -8.50 11.74
N LYS A 33 3.31 -9.78 11.65
CA LYS A 33 3.65 -10.66 12.80
C LYS A 33 5.08 -11.18 12.67
N GLY A 34 5.86 -11.08 13.72
CA GLY A 34 7.27 -11.56 13.66
C GLY A 34 8.18 -10.50 14.26
N GLU A 35 7.73 -9.27 14.33
CA GLU A 35 8.58 -8.19 14.91
C GLU A 35 7.79 -6.89 14.97
N GLU A 36 6.53 -6.95 15.29
CA GLU A 36 5.70 -5.71 15.37
C GLU A 36 4.49 -5.95 16.29
N ALA A 1 -6.35 26.51 -7.77
CA ALA A 1 -7.01 26.08 -9.04
C ALA A 1 -7.76 24.76 -8.83
N VAL A 2 -9.05 24.76 -9.04
CA VAL A 2 -9.84 23.51 -8.86
C VAL A 2 -10.25 22.95 -10.22
N ASP A 3 -9.80 23.54 -11.30
CA ASP A 3 -10.17 23.02 -12.65
C ASP A 3 -9.46 21.68 -12.90
N GLU A 4 -8.62 21.26 -12.00
CA GLU A 4 -7.90 19.98 -12.18
C GLU A 4 -7.19 19.61 -10.88
N LYS A 5 -7.90 19.62 -9.78
CA LYS A 5 -7.26 19.31 -8.47
C LYS A 5 -7.73 17.95 -7.95
N LEU A 6 -7.27 16.88 -8.53
CA LEU A 6 -7.69 15.53 -8.02
C LEU A 6 -6.79 15.13 -6.86
N ARG A 7 -6.60 16.00 -5.91
CA ARG A 7 -5.73 15.65 -4.76
C ARG A 7 -4.37 15.16 -5.26
N ASP A 8 -3.56 16.05 -5.76
CA ASP A 8 -2.23 15.62 -6.28
C ASP A 8 -1.59 14.64 -5.30
N LEU A 9 -1.91 14.75 -4.03
CA LEU A 9 -1.35 13.82 -3.02
C LEU A 9 -1.46 12.37 -3.52
N TYR A 10 -2.44 12.09 -4.33
CA TYR A 10 -2.60 10.70 -4.85
C TYR A 10 -2.34 10.67 -6.36
N SER A 11 -1.70 11.68 -6.89
CA SER A 11 -1.41 11.71 -8.35
C SER A 11 0.08 11.46 -8.60
N LYS A 12 0.72 10.74 -7.71
CA LYS A 12 2.18 10.45 -7.89
C LYS A 12 2.47 9.00 -7.52
N SER A 13 2.20 8.62 -6.30
CA SER A 13 2.45 7.22 -5.87
C SER A 13 2.02 7.05 -4.42
N THR A 14 2.61 7.78 -3.52
CA THR A 14 2.22 7.68 -2.09
C THR A 14 2.16 6.22 -1.62
N ALA A 15 3.29 5.56 -1.57
CA ALA A 15 3.33 4.15 -1.11
C ALA A 15 2.08 3.36 -1.53
N ALA A 16 1.81 3.27 -2.80
CA ALA A 16 0.60 2.52 -3.25
C ALA A 16 0.94 1.65 -4.46
N MET A 17 2.19 1.30 -4.63
CA MET A 17 2.57 0.46 -5.80
C MET A 17 4.10 0.31 -5.88
N SER A 18 4.79 1.39 -6.07
CA SER A 18 6.28 1.34 -6.18
C SER A 18 6.89 0.33 -5.19
N THR A 19 6.27 0.13 -4.05
CA THR A 19 6.86 -0.83 -3.07
C THR A 19 5.75 -1.62 -2.34
N TYR A 20 4.68 -1.93 -3.02
CA TYR A 20 3.59 -2.69 -2.35
C TYR A 20 4.16 -3.90 -1.62
N THR A 21 4.20 -3.85 -0.32
CA THR A 21 4.76 -5.00 0.46
C THR A 21 4.28 -4.94 1.92
N GLY A 22 4.43 -3.82 2.56
CA GLY A 22 3.99 -3.71 3.98
C GLY A 22 2.47 -3.46 4.02
N ILE A 23 1.69 -4.48 3.79
CA ILE A 23 0.21 -4.29 3.81
C ILE A 23 -0.50 -5.64 3.60
N PHE A 24 -0.31 -6.57 4.49
CA PHE A 24 -0.97 -7.90 4.34
C PHE A 24 -1.43 -8.41 5.70
N THR A 25 -2.47 -9.21 5.72
CA THR A 25 -2.96 -9.74 7.02
C THR A 25 -3.72 -11.06 6.80
N ASP A 26 -3.27 -11.87 5.88
CA ASP A 26 -3.97 -13.17 5.64
C ASP A 26 -3.18 -14.05 4.66
N GLN A 27 -3.42 -15.34 4.68
CA GLN A 27 -2.70 -16.28 3.75
C GLN A 27 -1.18 -16.24 3.94
N VAL A 28 -0.55 -15.14 3.63
CA VAL A 28 0.94 -15.07 3.77
C VAL A 28 1.35 -14.86 5.24
N LEU A 29 0.43 -15.00 6.16
CA LEU A 29 0.80 -14.81 7.60
C LEU A 29 0.54 -16.10 8.39
N SER A 30 0.57 -17.23 7.76
CA SER A 30 0.33 -18.51 8.50
C SER A 30 1.54 -19.44 8.40
N VAL A 31 2.62 -18.96 7.85
CA VAL A 31 3.83 -19.83 7.72
C VAL A 31 4.92 -19.38 8.69
N LEU A 32 5.14 -18.11 8.82
CA LEU A 32 6.19 -17.62 9.76
C LEU A 32 6.13 -18.40 11.09
N LYS A 33 4.95 -18.79 11.49
CA LYS A 33 4.83 -19.56 12.76
C LYS A 33 4.50 -21.02 12.46
N GLY A 34 5.06 -21.93 13.19
CA GLY A 34 4.79 -23.37 12.93
C GLY A 34 5.58 -23.80 11.69
N GLU A 35 6.65 -23.11 11.42
CA GLU A 35 7.48 -23.44 10.22
C GLU A 35 8.65 -22.45 10.12
N GLU A 36 9.25 -22.13 11.24
CA GLU A 36 10.39 -21.17 11.23
C GLU A 36 11.29 -21.42 12.45
N ALA A 1 -1.82 31.40 3.15
CA ALA A 1 -2.25 31.02 1.77
C ALA A 1 -2.34 29.49 1.65
N VAL A 2 -3.50 28.97 1.40
CA VAL A 2 -3.64 27.49 1.26
C VAL A 2 -4.46 27.14 0.01
N ASP A 3 -3.82 27.09 -1.13
CA ASP A 3 -4.57 26.78 -2.38
C ASP A 3 -3.66 26.08 -3.39
N GLU A 4 -2.98 25.04 -2.98
CA GLU A 4 -2.08 24.32 -3.92
C GLU A 4 -2.14 22.82 -3.66
N LYS A 5 -3.29 22.22 -3.86
CA LYS A 5 -3.42 20.75 -3.61
C LYS A 5 -3.52 20.00 -4.95
N LEU A 6 -2.48 20.00 -5.72
CA LEU A 6 -2.51 19.29 -7.04
C LEU A 6 -3.21 17.94 -6.89
N ARG A 7 -3.71 17.40 -7.95
CA ARG A 7 -4.41 16.08 -7.86
C ARG A 7 -3.44 14.99 -7.41
N ASP A 8 -3.04 15.00 -6.17
CA ASP A 8 -2.11 13.94 -5.68
C ASP A 8 -2.79 12.58 -5.84
N LEU A 9 -4.09 12.60 -5.98
CA LEU A 9 -4.85 11.33 -6.15
C LEU A 9 -4.11 10.40 -7.12
N TYR A 10 -4.02 10.80 -8.36
CA TYR A 10 -3.31 9.95 -9.37
C TYR A 10 -1.94 9.51 -8.83
N SER A 11 -1.30 10.35 -8.08
CA SER A 11 0.05 9.99 -7.54
C SER A 11 -0.08 9.01 -6.36
N LYS A 12 -1.27 8.78 -5.87
CA LYS A 12 -1.43 7.84 -4.73
C LYS A 12 -2.82 7.18 -4.74
N SER A 13 -3.29 6.79 -5.89
CA SER A 13 -4.64 6.16 -5.94
C SER A 13 -4.62 4.87 -6.76
N THR A 14 -4.25 4.93 -8.01
CA THR A 14 -4.25 3.70 -8.84
C THR A 14 -2.81 3.23 -9.14
N ALA A 15 -1.87 3.60 -8.32
CA ALA A 15 -0.47 3.14 -8.57
C ALA A 15 -0.29 1.71 -8.06
N ALA A 16 -1.12 0.82 -8.51
CA ALA A 16 -1.02 -0.61 -8.06
C ALA A 16 -1.47 -0.74 -6.60
N MET A 17 -2.24 0.21 -6.12
CA MET A 17 -2.71 0.14 -4.71
C MET A 17 -3.80 -0.94 -4.58
N SER A 18 -5.04 -0.56 -4.71
CA SER A 18 -6.14 -1.57 -4.60
C SER A 18 -6.02 -2.58 -5.75
N THR A 19 -6.97 -3.48 -5.86
CA THR A 19 -6.94 -4.51 -6.95
C THR A 19 -5.69 -5.42 -6.79
N TYR A 20 -4.52 -4.85 -6.81
CA TYR A 20 -3.29 -5.68 -6.65
C TYR A 20 -2.54 -5.27 -5.38
N THR A 21 -3.11 -5.49 -4.24
CA THR A 21 -2.42 -5.11 -2.97
C THR A 21 -2.03 -6.35 -2.17
N GLY A 22 -2.99 -7.16 -1.82
CA GLY A 22 -2.68 -8.37 -1.03
C GLY A 22 -2.43 -9.57 -1.95
N ILE A 23 -1.35 -10.27 -1.74
CA ILE A 23 -1.03 -11.45 -2.60
C ILE A 23 0.24 -12.12 -2.08
N PHE A 24 0.34 -12.32 -0.80
CA PHE A 24 1.56 -12.97 -0.24
C PHE A 24 1.18 -13.94 0.88
N THR A 25 1.68 -15.15 0.83
CA THR A 25 1.33 -16.12 1.89
C THR A 25 2.47 -17.15 2.05
N ASP A 26 2.54 -17.78 3.18
CA ASP A 26 3.62 -18.80 3.40
C ASP A 26 5.01 -18.14 3.34
N GLN A 27 5.86 -18.49 4.26
CA GLN A 27 7.23 -17.90 4.26
C GLN A 27 7.17 -16.39 4.53
N VAL A 28 6.59 -15.64 3.65
CA VAL A 28 6.50 -14.17 3.85
C VAL A 28 5.33 -13.80 4.77
N LEU A 29 5.17 -14.50 5.85
CA LEU A 29 4.04 -14.18 6.78
C LEU A 29 4.25 -14.80 8.15
N SER A 30 5.41 -14.61 8.75
CA SER A 30 5.66 -15.21 10.10
C SER A 30 7.15 -15.12 10.44
N VAL A 31 7.71 -13.95 10.48
CA VAL A 31 9.17 -13.82 10.79
C VAL A 31 9.37 -13.10 12.13
N LEU A 32 8.31 -12.74 12.81
CA LEU A 32 8.48 -12.03 14.10
C LEU A 32 8.54 -13.01 15.28
N LYS A 33 7.73 -14.03 15.27
CA LYS A 33 7.76 -15.00 16.41
C LYS A 33 7.46 -16.42 15.94
N GLY A 34 8.28 -16.95 15.06
CA GLY A 34 8.04 -18.33 14.58
C GLY A 34 6.72 -18.40 13.80
N GLU A 35 5.62 -18.32 14.49
CA GLU A 35 4.30 -18.36 13.81
C GLU A 35 3.21 -17.89 14.79
N GLU A 36 3.52 -16.93 15.60
CA GLU A 36 2.53 -16.40 16.59
C GLU A 36 1.14 -16.31 15.95
N ALA A 1 -11.70 29.91 -5.35
CA ALA A 1 -10.35 29.61 -5.92
C ALA A 1 -10.23 28.11 -6.22
N VAL A 2 -10.29 27.74 -7.47
CA VAL A 2 -10.17 26.29 -7.83
C VAL A 2 -9.26 26.13 -9.03
N ASP A 3 -7.97 26.12 -8.83
CA ASP A 3 -7.03 25.96 -9.97
C ASP A 3 -5.71 25.35 -9.49
N GLU A 4 -5.78 24.34 -8.67
CA GLU A 4 -4.53 23.69 -8.18
C GLU A 4 -4.87 22.48 -7.29
N LYS A 5 -5.34 21.42 -7.88
CA LYS A 5 -5.70 20.21 -7.08
C LYS A 5 -4.45 19.56 -6.49
N LEU A 6 -3.30 19.80 -7.08
CA LEU A 6 -2.04 19.20 -6.55
C LEU A 6 -2.19 17.68 -6.41
N ARG A 7 -1.13 17.01 -6.04
CA ARG A 7 -1.19 15.53 -5.87
C ARG A 7 -2.40 15.15 -5.01
N ASP A 8 -3.53 14.91 -5.61
CA ASP A 8 -4.75 14.55 -4.83
C ASP A 8 -4.90 13.02 -4.74
N LEU A 9 -4.47 12.31 -5.74
CA LEU A 9 -4.62 10.82 -5.71
C LEU A 9 -4.16 10.26 -4.35
N TYR A 10 -3.32 10.98 -3.66
CA TYR A 10 -2.84 10.50 -2.32
C TYR A 10 -4.00 9.89 -1.51
N SER A 11 -5.18 10.43 -1.66
CA SER A 11 -6.34 9.90 -0.88
C SER A 11 -6.94 8.65 -1.55
N LYS A 12 -6.16 7.86 -2.23
CA LYS A 12 -6.71 6.64 -2.87
C LYS A 12 -5.72 5.47 -2.74
N SER A 13 -4.56 5.59 -3.34
CA SER A 13 -3.56 4.47 -3.24
C SER A 13 -2.17 4.97 -3.64
N THR A 14 -2.06 5.63 -4.77
CA THR A 14 -0.73 6.15 -5.23
C THR A 14 0.16 5.02 -5.75
N ALA A 15 -0.42 4.06 -6.44
CA ALA A 15 0.40 2.94 -7.00
C ALA A 15 1.46 2.48 -5.99
N ALA A 16 1.06 1.83 -4.94
CA ALA A 16 2.06 1.34 -3.94
C ALA A 16 1.33 0.85 -2.68
N MET A 17 0.34 1.57 -2.24
CA MET A 17 -0.40 1.14 -1.03
C MET A 17 0.57 0.82 0.11
N SER A 18 1.15 1.83 0.70
CA SER A 18 2.11 1.60 1.82
C SER A 18 3.03 0.43 1.51
N THR A 19 3.72 0.48 0.39
CA THR A 19 4.64 -0.63 0.02
C THR A 19 3.88 -1.96 -0.07
N TYR A 20 4.02 -2.66 -1.17
CA TYR A 20 3.31 -3.96 -1.32
C TYR A 20 3.66 -4.60 -2.66
N THR A 21 3.87 -3.80 -3.68
CA THR A 21 4.24 -4.36 -5.01
C THR A 21 3.16 -5.34 -5.51
N GLY A 22 1.99 -5.30 -4.95
CA GLY A 22 0.90 -6.22 -5.40
C GLY A 22 1.43 -7.66 -5.43
N ILE A 23 1.94 -8.13 -4.33
CA ILE A 23 2.47 -9.52 -4.28
C ILE A 23 1.78 -10.28 -3.15
N PHE A 24 2.07 -9.92 -1.93
CA PHE A 24 1.41 -10.57 -0.76
C PHE A 24 2.06 -10.08 0.54
N THR A 25 1.37 -10.23 1.64
CA THR A 25 1.96 -9.74 2.93
C THR A 25 1.11 -10.24 4.10
N ASP A 26 -0.18 -10.11 4.03
CA ASP A 26 -1.04 -10.57 5.16
C ASP A 26 -1.58 -11.98 4.89
N GLN A 27 -1.86 -12.72 5.93
CA GLN A 27 -2.41 -14.11 5.79
C GLN A 27 -1.43 -15.03 5.03
N VAL A 28 -1.06 -14.69 3.83
CA VAL A 28 -0.12 -15.57 3.07
C VAL A 28 1.33 -15.21 3.39
N LEU A 29 1.61 -14.86 4.62
CA LEU A 29 3.01 -14.52 5.00
C LEU A 29 3.17 -14.49 6.52
N SER A 30 2.80 -15.55 7.18
CA SER A 30 2.94 -15.61 8.66
C SER A 30 2.41 -16.95 9.19
N VAL A 31 3.00 -18.03 8.75
CA VAL A 31 2.53 -19.36 9.22
C VAL A 31 3.68 -20.13 9.90
N LEU A 32 4.84 -20.13 9.30
CA LEU A 32 5.99 -20.87 9.92
C LEU A 32 6.41 -20.21 11.23
N LYS A 33 6.39 -18.92 11.30
CA LYS A 33 6.79 -18.23 12.56
C LYS A 33 5.61 -18.15 13.52
N GLY A 34 4.49 -17.66 13.07
CA GLY A 34 3.31 -17.56 13.95
C GLY A 34 3.07 -16.09 14.33
N GLU A 35 4.02 -15.24 14.09
CA GLU A 35 3.85 -13.81 14.44
C GLU A 35 5.14 -13.04 14.16
N GLU A 36 5.78 -13.31 13.06
CA GLU A 36 7.04 -12.59 12.72
C GLU A 36 6.82 -11.65 11.53
N ALA A 1 -3.47 29.27 -15.34
CA ALA A 1 -3.54 29.39 -13.85
C ALA A 1 -3.23 28.05 -13.19
N VAL A 2 -2.15 27.97 -12.47
CA VAL A 2 -1.79 26.69 -11.79
C VAL A 2 -1.34 26.95 -10.36
N ASP A 3 -2.27 27.16 -9.46
CA ASP A 3 -1.89 27.43 -8.04
C ASP A 3 -2.96 26.91 -7.08
N GLU A 4 -3.59 25.82 -7.40
CA GLU A 4 -4.64 25.26 -6.49
C GLU A 4 -4.82 23.76 -6.74
N LYS A 5 -3.92 22.95 -6.26
CA LYS A 5 -4.05 21.48 -6.48
C LYS A 5 -4.24 20.75 -5.15
N LEU A 6 -5.43 20.29 -4.86
CA LEU A 6 -5.67 19.57 -3.59
C LEU A 6 -4.65 18.44 -3.41
N ARG A 7 -4.57 17.89 -2.24
CA ARG A 7 -3.60 16.79 -1.99
C ARG A 7 -4.25 15.43 -2.28
N ASP A 8 -5.53 15.32 -2.04
CA ASP A 8 -6.22 14.02 -2.30
C ASP A 8 -5.45 12.88 -1.65
N LEU A 9 -5.41 12.85 -0.35
CA LEU A 9 -4.67 11.77 0.36
C LEU A 9 -3.31 11.54 -0.31
N TYR A 10 -2.75 12.56 -0.90
CA TYR A 10 -1.43 12.40 -1.56
C TYR A 10 -1.47 11.29 -2.61
N SER A 11 -2.11 11.53 -3.72
CA SER A 11 -2.19 10.50 -4.80
C SER A 11 -2.34 9.10 -4.21
N LYS A 12 -3.52 8.74 -3.81
CA LYS A 12 -3.74 7.39 -3.21
C LYS A 12 -4.58 6.52 -4.16
N SER A 13 -4.96 7.07 -5.28
CA SER A 13 -5.79 6.28 -6.25
C SER A 13 -4.91 5.55 -7.26
N THR A 14 -3.94 6.22 -7.82
CA THR A 14 -3.05 5.55 -8.82
C THR A 14 -2.18 4.48 -8.15
N ALA A 15 -1.38 4.87 -7.21
CA ALA A 15 -0.49 3.87 -6.52
C ALA A 15 -1.30 2.63 -6.12
N ALA A 16 -2.57 2.79 -5.86
CA ALA A 16 -3.40 1.62 -5.47
C ALA A 16 -3.83 0.81 -6.70
N MET A 17 -4.76 -0.09 -6.54
CA MET A 17 -5.21 -0.91 -7.70
C MET A 17 -6.26 -1.94 -7.24
N SER A 18 -7.44 -1.47 -6.89
CA SER A 18 -8.51 -2.39 -6.45
C SER A 18 -7.95 -3.47 -5.54
N THR A 19 -7.84 -3.20 -4.26
CA THR A 19 -7.29 -4.21 -3.32
C THR A 19 -6.07 -4.90 -3.93
N TYR A 20 -4.93 -4.27 -3.86
CA TYR A 20 -3.70 -4.88 -4.44
C TYR A 20 -2.48 -4.03 -4.08
N THR A 21 -1.82 -4.35 -3.00
CA THR A 21 -0.63 -3.55 -2.58
C THR A 21 0.65 -4.34 -2.84
N GLY A 22 0.71 -5.57 -2.41
CA GLY A 22 1.94 -6.39 -2.63
C GLY A 22 1.63 -7.56 -3.55
N ILE A 23 2.22 -8.69 -3.32
CA ILE A 23 1.97 -9.87 -4.19
C ILE A 23 2.08 -11.16 -3.37
N PHE A 24 1.93 -11.08 -2.07
CA PHE A 24 2.05 -12.30 -1.23
C PHE A 24 1.84 -11.95 0.25
N THR A 25 1.01 -12.70 0.92
CA THR A 25 0.78 -12.42 2.38
C THR A 25 0.43 -13.72 3.10
N ASP A 26 1.04 -14.81 2.71
CA ASP A 26 0.73 -16.11 3.38
C ASP A 26 1.92 -17.06 3.27
N GLN A 27 2.14 -17.86 4.29
CA GLN A 27 3.26 -18.85 4.28
C GLN A 27 4.63 -18.14 4.20
N VAL A 28 4.85 -17.34 3.20
CA VAL A 28 6.17 -16.65 3.08
C VAL A 28 6.25 -15.46 4.04
N LEU A 29 5.28 -15.29 4.90
CA LEU A 29 5.33 -14.14 5.85
C LEU A 29 4.91 -14.59 7.26
N SER A 30 5.55 -15.60 7.78
CA SER A 30 5.19 -16.07 9.15
C SER A 30 6.31 -16.96 9.71
N VAL A 31 7.52 -16.47 9.70
CA VAL A 31 8.66 -17.27 10.21
C VAL A 31 9.34 -16.57 11.39
N LEU A 32 9.51 -15.27 11.30
CA LEU A 32 10.18 -14.53 12.39
C LEU A 32 9.37 -14.59 13.69
N LYS A 33 8.10 -14.28 13.63
CA LYS A 33 7.28 -14.32 14.87
C LYS A 33 7.21 -15.74 15.42
N GLY A 34 7.26 -16.72 14.57
CA GLY A 34 7.20 -18.14 15.04
C GLY A 34 6.25 -18.94 14.16
N GLU A 35 5.12 -18.39 13.81
CA GLU A 35 4.16 -19.14 12.94
C GLU A 35 2.84 -18.36 12.79
N GLU A 36 2.50 -17.53 13.75
CA GLU A 36 1.21 -16.77 13.65
C GLU A 36 0.95 -16.30 12.22
N ALA A 1 2.68 30.64 -0.99
CA ALA A 1 1.44 29.83 -1.09
C ALA A 1 1.74 28.47 -1.76
N VAL A 2 1.58 27.40 -1.02
CA VAL A 2 1.86 26.06 -1.62
C VAL A 2 0.77 25.07 -1.19
N ASP A 3 -0.34 25.09 -1.87
CA ASP A 3 -1.43 24.14 -1.52
C ASP A 3 -1.81 23.30 -2.76
N GLU A 4 -0.91 23.23 -3.71
CA GLU A 4 -1.19 22.45 -4.94
C GLU A 4 -1.53 21.00 -4.59
N LYS A 5 -1.54 20.13 -5.57
CA LYS A 5 -1.86 18.69 -5.30
C LYS A 5 -1.19 17.80 -6.35
N LEU A 6 0.11 17.79 -6.40
CA LEU A 6 0.83 16.94 -7.40
C LEU A 6 0.15 15.58 -7.52
N ARG A 7 -0.16 14.95 -6.42
CA ARG A 7 -0.80 13.61 -6.48
C ARG A 7 -2.22 13.67 -5.91
N ASP A 8 -3.12 12.90 -6.47
CA ASP A 8 -4.53 12.90 -5.96
C ASP A 8 -5.16 11.52 -6.23
N LEU A 9 -4.90 10.97 -7.38
CA LEU A 9 -5.47 9.63 -7.71
C LEU A 9 -5.23 8.65 -6.55
N TYR A 10 -4.00 8.46 -6.18
CA TYR A 10 -3.68 7.53 -5.06
C TYR A 10 -4.17 8.14 -3.73
N SER A 11 -4.00 9.42 -3.57
CA SER A 11 -4.45 10.08 -2.30
C SER A 11 -5.87 9.63 -1.95
N LYS A 12 -6.70 9.42 -2.94
CA LYS A 12 -8.10 8.98 -2.66
C LYS A 12 -8.15 7.47 -2.46
N SER A 13 -8.26 6.73 -3.53
CA SER A 13 -8.33 5.25 -3.42
C SER A 13 -8.63 4.65 -4.79
N THR A 14 -7.88 3.67 -5.20
CA THR A 14 -8.12 3.06 -6.54
C THR A 14 -7.47 1.68 -6.64
N ALA A 15 -6.19 1.61 -6.37
CA ALA A 15 -5.50 0.28 -6.46
C ALA A 15 -5.56 -0.45 -5.12
N ALA A 16 -6.71 -0.50 -4.52
CA ALA A 16 -6.83 -1.22 -3.21
C ALA A 16 -8.29 -1.59 -2.93
N MET A 17 -9.21 -0.75 -3.31
CA MET A 17 -10.64 -1.05 -3.06
C MET A 17 -10.97 -2.50 -3.44
N SER A 18 -10.97 -2.80 -4.72
CA SER A 18 -11.31 -4.19 -5.15
C SER A 18 -10.05 -5.04 -5.34
N THR A 19 -9.56 -5.15 -6.55
CA THR A 19 -8.34 -5.98 -6.79
C THR A 19 -7.22 -5.61 -5.81
N TYR A 20 -6.68 -6.59 -5.14
CA TYR A 20 -5.56 -6.32 -4.18
C TYR A 20 -4.26 -6.90 -4.72
N THR A 21 -4.36 -7.95 -5.51
CA THR A 21 -3.15 -8.60 -6.11
C THR A 21 -2.39 -9.45 -5.08
N GLY A 22 -2.70 -9.33 -3.81
CA GLY A 22 -1.98 -10.13 -2.79
C GLY A 22 -0.48 -10.12 -3.09
N ILE A 23 0.12 -8.96 -3.13
CA ILE A 23 1.58 -8.90 -3.43
C ILE A 23 2.14 -7.50 -3.11
N PHE A 24 2.26 -7.20 -1.85
CA PHE A 24 2.80 -5.86 -1.45
C PHE A 24 3.95 -6.06 -0.45
N THR A 25 5.16 -6.02 -0.92
CA THR A 25 6.31 -6.24 0.01
C THR A 25 6.21 -7.65 0.58
N ASP A 26 6.23 -8.63 -0.28
CA ASP A 26 6.11 -10.06 0.18
C ASP A 26 6.87 -10.28 1.49
N GLN A 27 7.93 -9.56 1.70
CA GLN A 27 8.73 -9.76 2.95
C GLN A 27 7.82 -9.95 4.18
N VAL A 28 6.61 -9.43 4.16
CA VAL A 28 5.73 -9.61 5.36
C VAL A 28 5.29 -11.08 5.50
N LEU A 29 5.66 -11.92 4.58
CA LEU A 29 5.23 -13.35 4.69
C LEU A 29 6.35 -14.21 5.28
N SER A 30 7.59 -13.83 5.11
CA SER A 30 8.69 -14.64 5.69
C SER A 30 8.93 -14.26 7.15
N VAL A 31 8.20 -13.29 7.64
CA VAL A 31 8.38 -12.88 9.06
C VAL A 31 7.02 -12.95 9.77
N LEU A 32 6.35 -14.06 9.65
CA LEU A 32 5.01 -14.20 10.30
C LEU A 32 5.05 -13.66 11.73
N LYS A 33 6.08 -13.95 12.48
CA LYS A 33 6.17 -13.44 13.88
C LYS A 33 7.39 -14.03 14.58
N GLY A 34 7.95 -13.30 15.52
CA GLY A 34 9.15 -13.82 16.25
C GLY A 34 10.12 -14.44 15.25
N GLU A 35 10.13 -15.74 15.15
CA GLU A 35 11.05 -16.41 14.19
C GLU A 35 10.81 -17.92 14.17
N GLU A 36 9.58 -18.33 14.28
CA GLU A 36 9.27 -19.79 14.25
C GLU A 36 7.90 -20.04 13.60
N ALA A 1 -9.64 19.89 0.66
CA ALA A 1 -9.37 18.79 -0.31
C ALA A 1 -9.14 19.36 -1.71
N VAL A 2 -7.94 19.24 -2.22
CA VAL A 2 -7.65 19.78 -3.58
C VAL A 2 -6.81 18.77 -4.37
N ASP A 3 -7.44 17.77 -4.92
CA ASP A 3 -6.69 16.75 -5.71
C ASP A 3 -7.60 16.12 -6.77
N GLU A 4 -8.50 16.89 -7.32
CA GLU A 4 -9.41 16.33 -8.35
C GLU A 4 -8.61 15.95 -9.61
N LYS A 5 -7.82 14.92 -9.52
CA LYS A 5 -7.02 14.50 -10.70
C LYS A 5 -6.15 13.28 -10.34
N LEU A 6 -6.37 12.17 -10.99
CA LEU A 6 -5.57 10.96 -10.68
C LEU A 6 -4.11 11.16 -11.11
N ARG A 7 -3.45 12.13 -10.55
CA ARG A 7 -2.02 12.39 -10.92
C ARG A 7 -1.22 12.71 -9.66
N ASP A 8 -1.73 13.58 -8.82
CA ASP A 8 -0.99 13.93 -7.57
C ASP A 8 -0.72 12.68 -6.74
N LEU A 9 -1.42 11.60 -7.02
CA LEU A 9 -1.20 10.35 -6.24
C LEU A 9 0.29 10.07 -6.05
N TYR A 10 0.99 9.78 -7.11
CA TYR A 10 2.45 9.49 -6.99
C TYR A 10 3.15 10.57 -6.17
N SER A 11 2.58 11.74 -6.08
CA SER A 11 3.23 12.82 -5.29
C SER A 11 2.96 12.64 -3.80
N LYS A 12 2.34 11.55 -3.44
CA LYS A 12 2.03 11.29 -1.99
C LYS A 12 1.09 10.09 -1.86
N SER A 13 1.53 8.92 -2.25
CA SER A 13 0.65 7.72 -2.15
C SER A 13 1.46 6.45 -1.91
N THR A 14 2.07 5.92 -2.94
CA THR A 14 2.87 4.67 -2.78
C THR A 14 3.79 4.75 -1.55
N ALA A 15 4.11 5.94 -1.10
CA ALA A 15 5.00 6.08 0.08
C ALA A 15 4.69 5.02 1.14
N ALA A 16 3.45 4.84 1.46
CA ALA A 16 3.07 3.83 2.49
C ALA A 16 1.60 3.96 2.86
N MET A 17 1.12 5.17 2.99
CA MET A 17 -0.31 5.39 3.36
C MET A 17 -0.70 4.47 4.52
N SER A 18 -0.19 4.76 5.69
CA SER A 18 -0.53 3.92 6.88
C SER A 18 -0.54 2.43 6.51
N THR A 19 0.60 1.85 6.29
CA THR A 19 0.67 0.40 5.93
C THR A 19 -0.48 0.01 5.01
N TYR A 20 -0.90 0.89 4.14
CA TYR A 20 -2.02 0.54 3.22
C TYR A 20 -1.50 0.46 1.77
N THR A 21 -1.01 -0.69 1.39
CA THR A 21 -0.49 -0.85 -0.01
C THR A 21 -1.57 -1.48 -0.89
N GLY A 22 -2.02 -2.66 -0.54
CA GLY A 22 -3.07 -3.32 -1.35
C GLY A 22 -3.92 -4.21 -0.43
N ILE A 23 -4.23 -3.74 0.74
CA ILE A 23 -5.06 -4.55 1.67
C ILE A 23 -4.47 -5.95 1.82
N PHE A 24 -3.23 -6.06 2.21
CA PHE A 24 -2.63 -7.41 2.37
C PHE A 24 -3.53 -8.27 3.23
N THR A 25 -3.86 -9.45 2.79
CA THR A 25 -4.76 -10.32 3.59
C THR A 25 -4.25 -11.77 3.57
N ASP A 26 -3.82 -12.27 4.71
CA ASP A 26 -3.33 -13.67 4.75
C ASP A 26 -2.24 -13.88 3.70
N GLN A 27 -1.56 -14.99 3.77
CA GLN A 27 -0.46 -15.30 2.78
C GLN A 27 0.67 -14.27 2.85
N VAL A 28 0.40 -13.01 2.63
CA VAL A 28 1.48 -11.99 2.68
C VAL A 28 1.72 -11.51 4.11
N LEU A 29 1.49 -12.35 5.09
CA LEU A 29 1.71 -11.92 6.50
C LEU A 29 2.49 -13.01 7.27
N SER A 30 3.47 -13.61 6.65
CA SER A 30 4.26 -14.66 7.34
C SER A 30 5.27 -15.27 6.36
N VAL A 31 6.20 -14.48 5.91
CA VAL A 31 7.22 -15.01 4.95
C VAL A 31 8.61 -15.01 5.59
N LEU A 32 8.89 -14.03 6.42
CA LEU A 32 10.23 -13.97 7.06
C LEU A 32 10.72 -15.36 7.50
N LYS A 33 9.90 -16.10 8.20
CA LYS A 33 10.34 -17.45 8.65
C LYS A 33 9.90 -18.51 7.63
N GLY A 34 8.65 -18.53 7.27
CA GLY A 34 8.17 -19.55 6.30
C GLY A 34 7.90 -20.87 7.04
N GLU A 35 7.31 -20.77 8.20
CA GLU A 35 7.01 -22.00 8.99
C GLU A 35 6.42 -21.61 10.35
N GLU A 36 5.56 -20.63 10.35
CA GLU A 36 4.93 -20.17 11.63
C GLU A 36 4.61 -21.35 12.54
N ALA A 1 -12.80 16.61 -14.26
CA ALA A 1 -11.82 16.21 -13.21
C ALA A 1 -11.05 17.44 -12.72
N VAL A 2 -11.17 17.75 -11.46
CA VAL A 2 -10.45 18.92 -10.90
C VAL A 2 -9.77 18.53 -9.59
N ASP A 3 -8.57 17.99 -9.67
CA ASP A 3 -7.86 17.58 -8.42
C ASP A 3 -6.43 18.13 -8.41
N GLU A 4 -5.80 18.20 -9.55
CA GLU A 4 -4.41 18.73 -9.61
C GLU A 4 -4.23 19.93 -8.68
N LYS A 5 -3.60 19.73 -7.55
CA LYS A 5 -3.38 20.87 -6.61
C LYS A 5 -2.42 20.46 -5.48
N LEU A 6 -2.70 20.86 -4.28
CA LEU A 6 -1.81 20.52 -3.14
C LEU A 6 -1.52 19.01 -3.10
N ARG A 7 -2.49 18.21 -2.75
CA ARG A 7 -2.26 16.73 -2.67
C ARG A 7 -2.65 16.03 -3.97
N ASP A 8 -3.80 16.33 -4.51
CA ASP A 8 -4.23 15.64 -5.76
C ASP A 8 -4.17 14.12 -5.59
N LEU A 9 -4.79 13.61 -4.56
CA LEU A 9 -4.77 12.13 -4.33
C LEU A 9 -3.34 11.59 -4.52
N TYR A 10 -2.36 12.41 -4.28
CA TYR A 10 -0.94 11.97 -4.43
C TYR A 10 -0.75 11.10 -5.69
N SER A 11 -1.39 11.44 -6.77
CA SER A 11 -1.23 10.64 -8.04
C SER A 11 -1.99 9.30 -8.00
N LYS A 12 -2.43 8.86 -6.84
CA LYS A 12 -3.16 7.56 -6.76
C LYS A 12 -2.25 6.41 -7.18
N SER A 13 -2.15 5.39 -6.37
CA SER A 13 -1.28 4.21 -6.72
C SER A 13 0.20 4.60 -6.67
N THR A 14 0.96 4.36 -7.72
CA THR A 14 2.41 4.70 -7.72
C THR A 14 3.20 3.70 -6.86
N ALA A 15 2.63 2.56 -6.59
CA ALA A 15 3.33 1.53 -5.76
C ALA A 15 4.10 2.17 -4.61
N ALA A 16 3.55 3.17 -3.99
CA ALA A 16 4.25 3.84 -2.85
C ALA A 16 3.22 4.46 -1.92
N MET A 17 2.13 3.80 -1.69
CA MET A 17 1.08 4.35 -0.78
C MET A 17 1.52 4.21 0.68
N SER A 18 2.68 4.73 1.00
CA SER A 18 3.18 4.64 2.41
C SER A 18 3.23 3.19 2.88
N THR A 19 4.40 2.70 3.22
CA THR A 19 4.52 1.30 3.69
C THR A 19 3.74 0.36 2.77
N TYR A 20 4.42 -0.23 1.82
CA TYR A 20 3.72 -1.17 0.88
C TYR A 20 4.72 -1.74 -0.13
N THR A 21 5.25 -2.90 0.13
CA THR A 21 6.23 -3.50 -0.82
C THR A 21 5.56 -4.61 -1.65
N GLY A 22 4.92 -5.55 -0.99
CA GLY A 22 4.26 -6.66 -1.73
C GLY A 22 2.77 -6.36 -1.88
N ILE A 23 1.96 -7.36 -2.11
CA ILE A 23 0.50 -7.14 -2.27
C ILE A 23 -0.28 -8.38 -1.83
N PHE A 24 0.04 -8.91 -0.66
CA PHE A 24 -0.68 -10.12 -0.18
C PHE A 24 -1.01 -9.98 1.31
N THR A 25 -2.22 -10.30 1.69
CA THR A 25 -2.61 -10.19 3.13
C THR A 25 -3.72 -11.19 3.46
N ASP A 26 -3.62 -12.40 2.98
CA ASP A 26 -4.67 -13.41 3.26
C ASP A 26 -4.05 -14.82 3.29
N GLN A 27 -4.48 -15.63 4.22
CA GLN A 27 -3.94 -17.03 4.35
C GLN A 27 -2.44 -17.02 4.66
N VAL A 28 -1.65 -16.38 3.85
CA VAL A 28 -0.18 -16.36 4.11
C VAL A 28 0.18 -15.30 5.15
N LEU A 29 -0.55 -15.23 6.23
CA LEU A 29 -0.24 -14.22 7.28
C LEU A 29 0.02 -14.93 8.62
N SER A 30 -0.09 -16.23 8.64
CA SER A 30 0.18 -16.97 9.91
C SER A 30 1.55 -17.66 9.83
N VAL A 31 2.30 -17.36 8.80
CA VAL A 31 3.65 -17.97 8.65
C VAL A 31 4.66 -16.86 8.42
N LEU A 32 4.68 -15.89 9.29
CA LEU A 32 5.63 -14.75 9.15
C LEU A 32 6.99 -15.24 8.67
N LYS A 33 7.52 -16.27 9.26
CA LYS A 33 8.85 -16.78 8.84
C LYS A 33 9.33 -17.87 9.79
N GLY A 34 9.13 -19.11 9.44
CA GLY A 34 9.59 -20.22 10.34
C GLY A 34 8.61 -20.35 11.51
N GLU A 35 8.90 -19.71 12.62
CA GLU A 35 7.99 -19.81 13.79
C GLU A 35 8.11 -18.56 14.66
N GLU A 36 7.02 -18.16 15.28
CA GLU A 36 7.06 -16.94 16.15
C GLU A 36 6.16 -17.14 17.37
N ALA A 1 -9.18 17.45 2.73
CA ALA A 1 -9.20 18.07 1.36
C ALA A 1 -10.37 17.53 0.56
N VAL A 2 -11.32 18.36 0.22
CA VAL A 2 -12.50 17.89 -0.56
C VAL A 2 -12.59 18.61 -1.91
N ASP A 3 -11.79 18.21 -2.87
CA ASP A 3 -11.84 18.88 -4.20
C ASP A 3 -11.25 17.96 -5.27
N GLU A 4 -11.78 16.78 -5.41
CA GLU A 4 -11.24 15.82 -6.43
C GLU A 4 -9.79 15.48 -6.07
N LYS A 5 -9.43 15.66 -4.84
CA LYS A 5 -8.04 15.37 -4.40
C LYS A 5 -7.59 14.00 -4.92
N LEU A 6 -8.53 13.13 -5.19
CA LEU A 6 -8.15 11.78 -5.71
C LEU A 6 -6.98 11.20 -4.89
N ARG A 7 -6.90 11.53 -3.64
CA ARG A 7 -5.79 11.00 -2.79
C ARG A 7 -4.43 11.32 -3.42
N ASP A 8 -3.99 12.54 -3.29
CA ASP A 8 -2.66 12.90 -3.88
C ASP A 8 -1.62 11.86 -3.47
N LEU A 9 -1.82 11.21 -2.35
CA LEU A 9 -0.85 10.18 -1.88
C LEU A 9 -0.57 9.17 -3.00
N TYR A 10 -1.59 8.75 -3.70
CA TYR A 10 -1.39 7.78 -4.81
C TYR A 10 -0.31 8.30 -5.78
N SER A 11 -0.05 9.58 -5.76
CA SER A 11 0.99 10.13 -6.69
C SER A 11 2.37 10.10 -6.03
N LYS A 12 2.57 9.22 -5.07
CA LYS A 12 3.90 9.16 -4.39
C LYS A 12 4.16 7.75 -3.85
N SER A 13 3.23 7.19 -3.13
CA SER A 13 3.43 5.83 -2.55
C SER A 13 3.98 4.85 -3.59
N THR A 14 3.15 4.01 -4.16
CA THR A 14 3.65 3.02 -5.16
C THR A 14 4.16 3.72 -6.42
N ALA A 15 5.14 4.57 -6.29
CA ALA A 15 5.68 5.26 -7.50
C ALA A 15 6.99 4.59 -7.94
N ALA A 16 7.05 3.28 -7.86
CA ALA A 16 8.29 2.57 -8.27
C ALA A 16 9.43 2.89 -7.31
N MET A 17 9.12 3.17 -6.08
CA MET A 17 10.20 3.51 -5.10
C MET A 17 9.88 2.93 -3.72
N SER A 18 10.47 3.48 -2.69
CA SER A 18 10.22 2.98 -1.31
C SER A 18 10.40 1.45 -1.27
N THR A 19 9.36 0.70 -1.48
CA THR A 19 9.48 -0.78 -1.44
C THR A 19 8.34 -1.42 -2.26
N TYR A 20 8.66 -2.37 -3.09
CA TYR A 20 7.59 -3.02 -3.89
C TYR A 20 8.19 -4.09 -4.82
N THR A 21 8.24 -5.31 -4.37
CA THR A 21 8.80 -6.40 -5.21
C THR A 21 7.66 -7.19 -5.85
N GLY A 22 6.74 -7.66 -5.06
CA GLY A 22 5.60 -8.44 -5.62
C GLY A 22 4.36 -7.55 -5.65
N ILE A 23 3.24 -8.05 -5.21
CA ILE A 23 2.00 -7.21 -5.21
C ILE A 23 0.86 -7.91 -4.48
N PHE A 24 1.17 -8.81 -3.58
CA PHE A 24 0.07 -9.51 -2.85
C PHE A 24 0.65 -10.45 -1.77
N THR A 25 1.64 -10.01 -1.06
CA THR A 25 2.22 -10.89 0.00
C THR A 25 2.01 -10.26 1.38
N ASP A 26 1.81 -8.97 1.43
CA ASP A 26 1.60 -8.29 2.73
C ASP A 26 0.32 -8.76 3.42
N GLN A 27 -0.82 -8.46 2.86
CA GLN A 27 -2.11 -8.86 3.50
C GLN A 27 -2.09 -10.34 3.91
N VAL A 28 -2.07 -11.23 2.96
CA VAL A 28 -2.08 -12.69 3.30
C VAL A 28 -1.17 -12.98 4.51
N LEU A 29 -0.02 -12.37 4.57
CA LEU A 29 0.89 -12.64 5.72
C LEU A 29 0.61 -11.71 6.89
N SER A 30 -0.54 -11.09 6.90
CA SER A 30 -0.87 -10.18 8.05
C SER A 30 -2.04 -10.77 8.84
N VAL A 31 -2.15 -12.07 8.85
CA VAL A 31 -3.26 -12.73 9.59
C VAL A 31 -2.71 -13.95 10.35
N LEU A 32 -1.86 -14.70 9.71
CA LEU A 32 -1.26 -15.90 10.38
C LEU A 32 -0.57 -15.50 11.68
N LYS A 33 0.22 -14.47 11.64
CA LYS A 33 0.93 -14.04 12.89
C LYS A 33 0.70 -12.54 13.14
N GLY A 34 -0.34 -11.99 12.60
CA GLY A 34 -0.61 -10.54 12.81
C GLY A 34 0.69 -9.75 12.66
N GLU A 35 1.17 -9.16 13.73
CA GLU A 35 2.44 -8.37 13.64
C GLU A 35 3.57 -9.27 13.15
N GLU A 36 3.68 -9.47 11.87
CA GLU A 36 4.76 -10.34 11.33
C GLU A 36 5.50 -9.62 10.21
N ALA A 1 -2.70 29.39 -1.49
CA ALA A 1 -3.41 28.10 -1.74
C ALA A 1 -2.41 26.94 -1.78
N VAL A 2 -2.50 26.04 -0.85
CA VAL A 2 -1.55 24.89 -0.83
C VAL A 2 -2.27 23.61 -0.40
N ASP A 3 -2.84 22.89 -1.32
CA ASP A 3 -3.54 21.63 -0.96
C ASP A 3 -2.53 20.59 -0.47
N GLU A 4 -1.30 20.72 -0.88
CA GLU A 4 -0.24 19.76 -0.45
C GLU A 4 -0.79 18.33 -0.39
N LYS A 5 -1.75 18.01 -1.21
CA LYS A 5 -2.31 16.63 -1.19
C LYS A 5 -1.27 15.64 -1.73
N LEU A 6 -0.16 15.51 -1.04
CA LEU A 6 0.89 14.57 -1.52
C LEU A 6 0.27 13.24 -1.96
N ARG A 7 0.10 13.06 -3.24
CA ARG A 7 -0.49 11.78 -3.74
C ARG A 7 -1.83 11.52 -3.07
N ASP A 8 -2.79 12.39 -3.25
CA ASP A 8 -4.13 12.18 -2.63
C ASP A 8 -4.62 10.76 -2.93
N LEU A 9 -4.11 10.15 -3.95
CA LEU A 9 -4.55 8.77 -4.32
C LEU A 9 -4.62 7.89 -3.08
N TYR A 10 -3.60 7.94 -2.25
CA TYR A 10 -3.59 7.08 -1.03
C TYR A 10 -4.98 7.04 -0.36
N SER A 11 -5.69 8.13 -0.37
CA SER A 11 -7.04 8.12 0.28
C SER A 11 -8.10 7.51 -0.63
N LYS A 12 -8.08 7.84 -1.90
CA LYS A 12 -9.11 7.26 -2.82
C LYS A 12 -8.94 5.74 -2.94
N SER A 13 -9.09 5.20 -4.13
CA SER A 13 -8.95 3.72 -4.31
C SER A 13 -7.48 3.31 -4.36
N THR A 14 -6.71 3.93 -5.22
CA THR A 14 -5.26 3.58 -5.35
C THR A 14 -5.09 2.25 -6.08
N ALA A 15 -5.92 1.99 -7.07
CA ALA A 15 -5.80 0.70 -7.82
C ALA A 15 -5.58 -0.46 -6.84
N ALA A 16 -6.63 -1.01 -6.32
CA ALA A 16 -6.47 -2.14 -5.36
C ALA A 16 -7.05 -3.43 -5.97
N MET A 17 -7.77 -3.32 -7.04
CA MET A 17 -8.36 -4.54 -7.67
C MET A 17 -7.70 -4.82 -9.03
N SER A 18 -8.05 -4.06 -10.03
CA SER A 18 -7.45 -4.28 -11.37
C SER A 18 -5.94 -4.59 -11.27
N THR A 19 -5.15 -3.62 -10.90
CA THR A 19 -3.68 -3.86 -10.79
C THR A 19 -3.36 -4.69 -9.55
N TYR A 20 -2.84 -5.88 -9.73
CA TYR A 20 -2.48 -6.74 -8.57
C TYR A 20 -2.01 -8.11 -9.03
N THR A 21 -0.80 -8.48 -8.67
CA THR A 21 -0.26 -9.80 -9.08
C THR A 21 1.07 -10.07 -8.37
N GLY A 22 2.05 -9.23 -8.60
CA GLY A 22 3.37 -9.43 -7.94
C GLY A 22 3.31 -8.87 -6.51
N ILE A 23 2.61 -9.54 -5.64
CA ILE A 23 2.50 -9.04 -4.24
C ILE A 23 3.03 -10.10 -3.26
N PHE A 24 3.99 -10.89 -3.68
CA PHE A 24 4.55 -11.94 -2.78
C PHE A 24 5.19 -11.31 -1.54
N THR A 25 5.54 -10.05 -1.61
CA THR A 25 6.18 -9.39 -0.44
C THR A 25 5.12 -8.78 0.48
N ASP A 26 4.27 -7.94 -0.03
CA ASP A 26 3.23 -7.32 0.85
C ASP A 26 2.58 -8.38 1.73
N GLN A 27 2.20 -8.02 2.93
CA GLN A 27 1.56 -9.00 3.86
C GLN A 27 2.51 -10.15 4.20
N VAL A 28 2.83 -10.97 3.24
CA VAL A 28 3.75 -12.11 3.50
C VAL A 28 4.93 -11.67 4.36
N LEU A 29 5.43 -10.48 4.14
CA LEU A 29 6.60 -10.00 4.93
C LEU A 29 6.13 -9.38 6.25
N SER A 30 4.87 -9.46 6.55
CA SER A 30 4.36 -8.89 7.83
C SER A 30 3.91 -10.01 8.76
N VAL A 31 4.52 -11.16 8.66
CA VAL A 31 4.13 -12.30 9.55
C VAL A 31 5.32 -12.68 10.44
N LEU A 32 6.50 -12.68 9.89
CA LEU A 32 7.72 -13.04 10.69
C LEU A 32 7.63 -12.41 12.08
N LYS A 33 7.26 -11.17 12.14
CA LYS A 33 7.16 -10.49 13.46
C LYS A 33 6.13 -11.18 14.35
N GLY A 34 4.98 -11.48 13.82
CA GLY A 34 3.92 -12.15 14.62
C GLY A 34 2.65 -11.31 14.58
N GLU A 35 2.74 -10.05 14.93
CA GLU A 35 1.54 -9.17 14.88
C GLU A 35 1.96 -7.72 14.67
N GLU A 36 2.97 -7.49 13.87
CA GLU A 36 3.43 -6.10 13.61
C GLU A 36 3.56 -5.87 12.10
#